data_5LX3
#
_entry.id   5LX3
#
_cell.length_a   61.510
_cell.length_b   107.130
_cell.length_c   83.590
_cell.angle_alpha   90.00
_cell.angle_beta   96.69
_cell.angle_gamma   90.00
#
_symmetry.space_group_name_H-M   'P 1 21 1'
#
loop_
_entity.id
_entity.type
_entity.pdbx_description
1 polymer 'Nicotinamide phosphoribosyltransferase'
2 non-polymer 6-[4-[(6-azanylpyridin-3-yl)methylcarbamoylamino]-3-fluoranyl-phenyl]-2-(ethylamino)-~{N}-(2-piperidin-1-ylethyl)pyridine-3-carboxamide
3 water water
#
_entity_poly.entity_id   1
_entity_poly.type   'polypeptide(L)'
_entity_poly.pdbx_seq_one_letter_code
;GAMNPAAEAEFNILLATDSYKVTHYKQYPPNTSKVYSYFECREKKTENSKLRKVKYEETVFYGLQYILNKYLKGKVVTKE
KIQEAKDVYKEHFQDDVFNEKGWNYILEKYDGHLPIEIKAVPEGFVIPRGNVLFTVENTDPECYWLTNWIETILVQSWYP
ITVATNSREQKKILAKYLLETSGNLDGLEYKLHDFGYRGVSSQETAGIGASAHLVNFKGTDTVAGLALIKKYYGTKDPVP
GYSVPAAEHSTITAWGKDHEKDAFEHIVTQFSSVPVSVVSDSYDIYNACEKIWGEDLRHLIVSRSTQAPLIIRPDSGNPL
DTVLKVLEILGKKFPVTENSKGYKLLPPYLRVIQGDGVDINTLQEIVEGMKQKMWSIENIAFGSGGGLLQKLTRDLLNCS
FKCSYVVTNGLGINVFKDPVADPNKRSKKGRLSLHRTPAGNFVTLEEGKGDLEEYGQDLLHTVFKNGKVTKSYSFDEIRK
NAQLNIELEAAHH
;
_entity_poly.pdbx_strand_id   A,B
#
# COMPACT_ATOMS: atom_id res chain seq x y z
N PHE A 11 17.77 9.53 1.33
CA PHE A 11 17.57 8.14 1.76
C PHE A 11 18.81 7.62 2.50
N ASN A 12 18.58 7.02 3.67
CA ASN A 12 19.66 6.48 4.47
C ASN A 12 19.42 5.00 4.77
N ILE A 13 20.16 4.13 4.09
CA ILE A 13 20.00 2.68 4.26
C ILE A 13 20.19 2.17 5.68
N LEU A 14 20.92 2.92 6.51
CA LEU A 14 21.14 2.53 7.90
C LEU A 14 19.86 2.71 8.71
N LEU A 15 18.94 3.51 8.17
CA LEU A 15 17.65 3.75 8.82
C LEU A 15 16.52 3.17 7.98
N ALA A 16 16.83 2.17 7.15
CA ALA A 16 15.82 1.55 6.29
C ALA A 16 15.70 0.06 6.56
N THR A 17 15.53 -0.29 7.83
CA THR A 17 15.40 -1.70 8.26
C THR A 17 14.49 -1.78 9.49
N ASP A 18 13.97 -2.97 9.78
CA ASP A 18 13.16 -3.17 10.98
C ASP A 18 14.09 -2.89 12.16
N SER A 19 13.61 -2.13 13.14
CA SER A 19 14.42 -1.76 14.30
C SER A 19 15.25 -2.89 14.92
N TYR A 20 14.63 -4.03 15.21
CA TYR A 20 15.35 -5.11 15.85
C TYR A 20 16.58 -5.65 15.10
N LYS A 21 16.66 -5.39 13.79
CA LYS A 21 17.80 -5.85 13.01
C LYS A 21 19.08 -5.11 13.39
N VAL A 22 18.91 -3.97 14.03
CA VAL A 22 20.03 -3.17 14.50
C VAL A 22 20.79 -3.96 15.60
N THR A 23 20.04 -4.79 16.33
CA THR A 23 20.60 -5.56 17.44
C THR A 23 21.03 -6.99 17.10
N HIS A 24 20.82 -7.41 15.86
CA HIS A 24 21.17 -8.77 15.45
C HIS A 24 22.66 -9.13 15.40
N TYR A 25 23.51 -8.16 15.14
CA TYR A 25 24.95 -8.43 15.06
C TYR A 25 25.53 -8.97 16.37
N LYS A 26 24.75 -8.86 17.44
CA LYS A 26 25.18 -9.35 18.75
C LYS A 26 24.46 -10.64 19.13
N GLN A 27 23.71 -11.22 18.19
CA GLN A 27 22.92 -12.42 18.46
C GLN A 27 23.32 -13.70 17.72
N TYR A 28 24.03 -13.55 16.60
CA TYR A 28 24.47 -14.72 15.83
C TYR A 28 25.53 -15.48 16.63
N PRO A 29 25.81 -16.74 16.25
CA PRO A 29 26.85 -17.47 16.99
C PRO A 29 28.22 -16.84 16.72
N PRO A 30 29.09 -16.82 17.73
CA PRO A 30 30.42 -16.23 17.54
C PRO A 30 31.18 -16.93 16.42
N ASN A 31 32.01 -16.17 15.71
CA ASN A 31 32.82 -16.72 14.63
C ASN A 31 32.00 -17.18 13.42
N THR A 32 30.94 -16.45 13.12
CA THR A 32 30.10 -16.73 11.95
C THR A 32 30.66 -15.86 10.83
N SER A 33 31.03 -16.50 9.71
CA SER A 33 31.62 -15.79 8.58
C SER A 33 30.67 -15.62 7.40
N LYS A 34 29.56 -16.36 7.43
CA LYS A 34 28.59 -16.27 6.35
C LYS A 34 27.16 -16.51 6.79
N VAL A 35 26.25 -15.69 6.27
CA VAL A 35 24.82 -15.83 6.48
C VAL A 35 24.21 -15.81 5.08
N TYR A 36 23.57 -16.92 4.70
CA TYR A 36 22.98 -17.10 3.37
C TYR A 36 21.46 -17.22 3.52
N SER A 37 20.72 -16.36 2.81
CA SER A 37 19.27 -16.34 2.89
C SER A 37 18.59 -16.37 1.52
N TYR A 38 17.33 -16.78 1.49
CA TYR A 38 16.57 -16.87 0.22
C TYR A 38 15.14 -16.34 0.34
N PHE A 39 14.55 -16.03 -0.81
CA PHE A 39 13.17 -15.53 -0.87
C PHE A 39 12.31 -16.49 -1.69
N GLU A 40 11.12 -16.79 -1.18
CA GLU A 40 10.18 -17.67 -1.88
C GLU A 40 8.73 -17.29 -1.65
N CYS A 41 7.84 -17.80 -2.49
CA CYS A 41 6.40 -17.63 -2.35
C CYS A 41 5.89 -19.00 -1.92
N ARG A 42 5.87 -19.23 -0.62
CA ARG A 42 5.51 -20.52 -0.02
C ARG A 42 4.26 -21.21 -0.53
N GLU A 43 4.30 -22.54 -0.47
CA GLU A 43 3.21 -23.45 -0.84
C GLU A 43 3.28 -23.99 -2.25
N TYR A 56 -3.52 -19.28 -7.43
CA TYR A 56 -2.23 -18.60 -7.59
C TYR A 56 -1.08 -19.61 -7.54
N GLU A 57 -1.16 -20.61 -8.40
CA GLU A 57 -0.16 -21.68 -8.48
C GLU A 57 1.20 -21.25 -9.03
N GLU A 58 1.23 -20.15 -9.78
CA GLU A 58 2.48 -19.67 -10.37
C GLU A 58 2.59 -18.16 -10.21
N THR A 59 3.82 -17.68 -9.99
CA THR A 59 4.05 -16.27 -9.76
C THR A 59 4.95 -15.62 -10.79
N VAL A 60 4.67 -14.35 -11.11
CA VAL A 60 5.51 -13.58 -12.03
C VAL A 60 6.59 -12.91 -11.19
N PHE A 61 7.86 -13.18 -11.48
CA PHE A 61 8.93 -12.55 -10.72
C PHE A 61 9.28 -11.21 -11.32
N TYR A 62 9.01 -10.14 -10.59
CA TYR A 62 9.27 -8.80 -11.09
C TYR A 62 9.44 -7.78 -9.97
N GLY A 63 10.33 -6.82 -10.17
CA GLY A 63 10.52 -5.73 -9.24
C GLY A 63 11.87 -5.56 -8.55
N LEU A 64 12.66 -6.62 -8.52
CA LEU A 64 13.97 -6.60 -7.87
C LEU A 64 14.88 -5.51 -8.43
N GLN A 65 14.98 -5.45 -9.75
CA GLN A 65 15.83 -4.49 -10.45
C GLN A 65 15.64 -3.05 -9.95
N TYR A 66 14.38 -2.65 -9.75
CA TYR A 66 14.07 -1.32 -9.23
C TYR A 66 14.77 -1.09 -7.89
N ILE A 67 14.61 -2.05 -6.99
CA ILE A 67 15.21 -2.00 -5.65
C ILE A 67 16.74 -1.93 -5.66
N LEU A 68 17.36 -2.76 -6.49
CA LEU A 68 18.82 -2.78 -6.60
C LEU A 68 19.40 -1.41 -7.01
N ASN A 69 18.78 -0.80 -8.02
CA ASN A 69 19.25 0.48 -8.53
C ASN A 69 18.93 1.67 -7.63
N LYS A 70 17.71 1.72 -7.11
CA LYS A 70 17.29 2.86 -6.30
C LYS A 70 17.87 2.93 -4.88
N TYR A 71 18.03 1.77 -4.24
CA TYR A 71 18.48 1.74 -2.87
C TYR A 71 19.80 1.03 -2.54
N LEU A 72 20.12 -0.04 -3.26
CA LEU A 72 21.29 -0.85 -2.93
C LEU A 72 22.62 -0.56 -3.60
N LYS A 73 22.60 -0.12 -4.85
CA LYS A 73 23.83 0.11 -5.60
C LYS A 73 24.63 1.36 -5.24
N GLY A 74 25.92 1.35 -5.57
CA GLY A 74 26.82 2.47 -5.35
C GLY A 74 27.21 2.75 -3.91
N LYS A 75 27.65 3.99 -3.67
CA LYS A 75 28.07 4.44 -2.35
C LYS A 75 26.86 4.73 -1.48
N VAL A 76 26.45 3.76 -0.68
CA VAL A 76 25.26 3.91 0.16
C VAL A 76 25.60 4.28 1.60
N VAL A 77 26.88 4.26 1.94
CA VAL A 77 27.33 4.62 3.29
C VAL A 77 28.24 5.83 3.28
N THR A 78 28.01 6.75 4.22
CA THR A 78 28.85 7.94 4.39
C THR A 78 29.08 8.17 5.87
N LYS A 79 30.04 9.03 6.21
CA LYS A 79 30.33 9.33 7.61
C LYS A 79 29.13 10.01 8.28
N GLU A 80 28.42 10.83 7.51
CA GLU A 80 27.25 11.54 8.00
C GLU A 80 26.05 10.63 8.22
N LYS A 81 25.91 9.61 7.37
CA LYS A 81 24.79 8.68 7.49
C LYS A 81 24.97 7.79 8.71
N ILE A 82 26.22 7.51 9.05
CA ILE A 82 26.54 6.68 10.20
C ILE A 82 26.24 7.46 11.48
N GLN A 83 26.63 8.73 11.49
CA GLN A 83 26.41 9.60 12.64
C GLN A 83 24.92 9.82 12.89
N GLU A 84 24.16 10.03 11.81
CA GLU A 84 22.72 10.24 11.91
C GLU A 84 22.01 9.00 12.47
N ALA A 85 22.38 7.83 11.96
CA ALA A 85 21.78 6.58 12.41
C ALA A 85 22.07 6.36 13.89
N LYS A 86 23.31 6.64 14.28
CA LYS A 86 23.73 6.48 15.68
C LYS A 86 22.92 7.36 16.61
N ASP A 87 22.65 8.59 16.18
CA ASP A 87 21.90 9.54 17.00
C ASP A 87 20.43 9.15 17.16
N VAL A 88 19.82 8.64 16.10
CA VAL A 88 18.42 8.23 16.14
C VAL A 88 18.26 6.98 17.00
N TYR A 89 19.08 5.97 16.72
CA TYR A 89 19.01 4.72 17.47
C TYR A 89 19.26 4.87 18.97
N LYS A 90 20.11 5.82 19.34
CA LYS A 90 20.40 6.06 20.76
C LYS A 90 19.12 6.43 21.52
N GLU A 91 18.26 7.22 20.88
CA GLU A 91 17.01 7.63 21.51
C GLU A 91 15.93 6.57 21.28
N HIS A 92 15.91 5.98 20.10
CA HIS A 92 14.91 4.96 19.75
C HIS A 92 14.94 3.77 20.71
N PHE A 93 16.15 3.32 21.06
CA PHE A 93 16.30 2.20 21.99
C PHE A 93 16.61 2.69 23.39
N GLN A 94 16.91 3.99 23.53
CA GLN A 94 17.28 4.53 24.82
C GLN A 94 18.51 3.75 25.28
N ASP A 95 19.38 3.43 24.34
CA ASP A 95 20.57 2.65 24.61
C ASP A 95 21.49 2.66 23.41
N ASP A 96 22.74 2.26 23.62
CA ASP A 96 23.73 2.23 22.54
C ASP A 96 23.95 0.77 22.13
N VAL A 97 23.33 0.38 21.02
CA VAL A 97 23.45 -0.99 20.53
C VAL A 97 23.76 -0.99 19.03
N PHE A 98 23.91 0.21 18.48
CA PHE A 98 24.23 0.39 17.06
C PHE A 98 25.64 -0.04 16.68
N ASN A 99 25.73 -0.86 15.63
CA ASN A 99 27.01 -1.36 15.13
C ASN A 99 27.77 -0.30 14.31
N GLU A 100 28.27 0.71 15.01
CA GLU A 100 29.03 1.79 14.35
C GLU A 100 30.29 1.28 13.67
N LYS A 101 31.05 0.43 14.37
CA LYS A 101 32.30 -0.12 13.83
C LYS A 101 32.06 -0.89 12.53
N GLY A 102 31.02 -1.74 12.52
CA GLY A 102 30.68 -2.53 11.35
C GLY A 102 30.41 -1.71 10.12
N TRP A 103 29.63 -0.64 10.26
CA TRP A 103 29.31 0.22 9.12
C TRP A 103 30.51 1.07 8.71
N ASN A 104 31.37 1.39 9.67
CA ASN A 104 32.57 2.16 9.39
C ASN A 104 33.54 1.31 8.56
N TYR A 105 33.51 0.00 8.79
CA TYR A 105 34.35 -0.93 8.05
C TYR A 105 33.98 -0.92 6.57
N ILE A 106 32.69 -0.93 6.29
CA ILE A 106 32.20 -0.91 4.91
C ILE A 106 32.57 0.40 4.22
N LEU A 107 32.45 1.51 4.94
CA LEU A 107 32.80 2.80 4.39
C LEU A 107 34.28 2.88 4.03
N GLU A 108 35.14 2.49 4.97
CA GLU A 108 36.58 2.54 4.78
C GLU A 108 37.13 1.50 3.81
N LYS A 109 36.66 0.27 3.92
CA LYS A 109 37.15 -0.82 3.07
C LYS A 109 36.60 -0.88 1.64
N TYR A 110 35.31 -0.58 1.48
CA TYR A 110 34.69 -0.67 0.16
C TYR A 110 34.13 0.65 -0.37
N ASP A 111 34.55 1.75 0.25
CA ASP A 111 34.07 3.06 -0.15
C ASP A 111 32.54 3.14 -0.10
N GLY A 112 31.96 2.57 0.95
CA GLY A 112 30.52 2.59 1.16
C GLY A 112 29.69 1.68 0.28
N HIS A 113 30.34 0.80 -0.47
CA HIS A 113 29.66 -0.15 -1.35
C HIS A 113 29.37 -1.44 -0.57
N LEU A 114 28.16 -1.97 -0.73
CA LEU A 114 27.76 -3.18 -0.01
C LEU A 114 28.44 -4.45 -0.49
N PRO A 115 29.16 -5.13 0.41
CA PRO A 115 29.85 -6.39 0.08
C PRO A 115 28.85 -7.55 0.17
N ILE A 116 27.90 -7.54 -0.77
CA ILE A 116 26.83 -8.51 -0.82
C ILE A 116 26.69 -9.07 -2.23
N GLU A 117 26.23 -10.31 -2.35
CA GLU A 117 25.99 -10.91 -3.65
C GLU A 117 24.56 -11.45 -3.72
N ILE A 118 23.82 -11.01 -4.74
CA ILE A 118 22.44 -11.46 -4.92
C ILE A 118 22.28 -12.21 -6.24
N LYS A 119 21.64 -13.38 -6.17
CA LYS A 119 21.37 -14.21 -7.34
C LYS A 119 19.86 -14.31 -7.47
N ALA A 120 19.36 -14.20 -8.71
CA ALA A 120 17.92 -14.22 -8.92
C ALA A 120 17.47 -14.79 -10.27
N VAL A 121 16.23 -15.26 -10.31
CA VAL A 121 15.63 -15.77 -11.54
C VAL A 121 15.36 -14.55 -12.42
N PRO A 122 15.42 -14.71 -13.74
CA PRO A 122 15.20 -13.53 -14.59
C PRO A 122 13.81 -12.92 -14.42
N GLU A 123 13.75 -11.60 -14.41
CA GLU A 123 12.48 -10.88 -14.24
C GLU A 123 11.50 -11.22 -15.36
N GLY A 124 10.24 -11.39 -15.02
CA GLY A 124 9.20 -11.74 -15.97
C GLY A 124 8.97 -13.24 -16.00
N PHE A 125 9.88 -13.99 -15.37
CA PHE A 125 9.78 -15.43 -15.31
C PHE A 125 8.57 -15.87 -14.48
N VAL A 126 7.83 -16.85 -15.00
CA VAL A 126 6.65 -17.37 -14.33
C VAL A 126 7.02 -18.69 -13.65
N ILE A 127 7.05 -18.67 -12.32
CA ILE A 127 7.50 -19.81 -11.52
C ILE A 127 6.46 -20.33 -10.55
N PRO A 128 6.33 -21.66 -10.43
CA PRO A 128 5.39 -22.28 -9.50
C PRO A 128 5.74 -21.96 -8.05
N ARG A 129 4.73 -21.91 -7.19
CA ARG A 129 4.93 -21.64 -5.77
C ARG A 129 5.91 -22.62 -5.14
N GLY A 130 6.56 -22.18 -4.06
CA GLY A 130 7.50 -23.00 -3.32
C GLY A 130 8.88 -23.15 -3.92
N ASN A 131 9.27 -22.24 -4.81
CA ASN A 131 10.59 -22.30 -5.42
C ASN A 131 11.44 -21.09 -5.04
N VAL A 132 12.76 -21.28 -5.00
CA VAL A 132 13.67 -20.19 -4.71
C VAL A 132 13.61 -19.19 -5.87
N LEU A 133 13.37 -17.92 -5.54
CA LEU A 133 13.29 -16.85 -6.53
C LEU A 133 14.57 -16.00 -6.54
N PHE A 134 15.17 -15.84 -5.37
CA PHE A 134 16.45 -15.13 -5.22
C PHE A 134 17.13 -15.46 -3.90
N THR A 135 18.45 -15.28 -3.86
CA THR A 135 19.25 -15.56 -2.66
C THR A 135 20.13 -14.36 -2.34
N VAL A 136 20.49 -14.23 -1.07
CA VAL A 136 21.33 -13.13 -0.61
C VAL A 136 22.41 -13.67 0.33
N GLU A 137 23.63 -13.16 0.19
CA GLU A 137 24.75 -13.58 1.02
C GLU A 137 25.87 -12.52 1.05
N ASN A 138 26.66 -12.53 2.11
CA ASN A 138 27.77 -11.59 2.26
C ASN A 138 29.04 -12.12 1.58
N THR A 139 29.82 -11.21 1.00
CA THR A 139 31.06 -11.60 0.31
C THR A 139 32.30 -11.36 1.17
N ASP A 140 32.11 -10.78 2.35
CA ASP A 140 33.20 -10.50 3.27
C ASP A 140 32.79 -11.04 4.63
N PRO A 141 33.63 -11.89 5.25
CA PRO A 141 33.31 -12.48 6.56
C PRO A 141 32.98 -11.46 7.65
N GLU A 142 33.57 -10.27 7.56
CA GLU A 142 33.31 -9.23 8.56
C GLU A 142 31.86 -8.73 8.49
N CYS A 143 31.22 -8.90 7.34
CA CYS A 143 29.87 -8.40 7.13
C CYS A 143 28.78 -9.48 7.16
N TYR A 144 28.97 -10.50 7.99
CA TYR A 144 28.02 -11.60 8.15
C TYR A 144 26.63 -11.10 8.57
N TRP A 145 26.59 -9.95 9.24
CA TRP A 145 25.36 -9.36 9.74
C TRP A 145 24.59 -8.58 8.67
N LEU A 146 25.27 -8.28 7.57
CA LEU A 146 24.69 -7.49 6.48
C LEU A 146 23.58 -8.19 5.70
N THR A 147 23.72 -9.51 5.53
CA THR A 147 22.74 -10.30 4.78
C THR A 147 21.29 -10.01 5.17
N ASN A 148 20.97 -10.22 6.45
CA ASN A 148 19.61 -10.01 6.93
C ASN A 148 19.27 -8.57 7.28
N TRP A 149 20.27 -7.68 7.28
CA TRP A 149 20.00 -6.27 7.54
C TRP A 149 19.09 -5.77 6.42
N ILE A 150 19.43 -6.17 5.19
CA ILE A 150 18.69 -5.73 4.01
C ILE A 150 17.48 -6.59 3.65
N GLU A 151 17.07 -7.47 4.56
CA GLU A 151 15.88 -8.29 4.33
C GLU A 151 14.63 -7.42 4.17
N THR A 152 14.52 -6.39 5.00
CA THR A 152 13.34 -5.52 4.98
C THR A 152 13.11 -4.83 3.63
N ILE A 153 14.19 -4.29 3.07
CA ILE A 153 14.14 -3.62 1.77
C ILE A 153 13.81 -4.59 0.62
N LEU A 154 14.41 -5.78 0.63
CA LEU A 154 14.21 -6.76 -0.43
C LEU A 154 12.85 -7.45 -0.40
N VAL A 155 12.34 -7.71 0.80
CA VAL A 155 11.08 -8.40 0.96
C VAL A 155 9.92 -7.59 0.36
N GLN A 156 10.10 -6.28 0.27
CA GLN A 156 9.06 -5.41 -0.29
C GLN A 156 8.83 -5.72 -1.76
N SER A 157 9.67 -6.61 -2.30
CA SER A 157 9.50 -7.05 -3.68
C SER A 157 8.20 -7.84 -3.78
N TRP A 158 7.68 -8.28 -2.63
CA TRP A 158 6.42 -9.02 -2.60
C TRP A 158 5.32 -8.26 -3.32
N TYR A 159 5.36 -6.93 -3.22
CA TYR A 159 4.33 -6.08 -3.81
C TYR A 159 4.26 -6.12 -5.33
N PRO A 160 5.37 -5.76 -6.01
CA PRO A 160 5.31 -5.82 -7.48
C PRO A 160 5.09 -7.25 -7.97
N ILE A 161 5.58 -8.23 -7.23
CA ILE A 161 5.38 -9.64 -7.60
C ILE A 161 3.88 -9.97 -7.55
N THR A 162 3.23 -9.53 -6.49
CA THR A 162 1.82 -9.81 -6.27
C THR A 162 0.90 -9.08 -7.26
N VAL A 163 1.21 -7.82 -7.54
CA VAL A 163 0.41 -7.06 -8.48
C VAL A 163 0.51 -7.68 -9.87
N ALA A 164 1.72 -8.03 -10.29
CA ALA A 164 1.95 -8.64 -11.61
C ALA A 164 1.27 -10.01 -11.73
N THR A 165 1.35 -10.81 -10.67
CA THR A 165 0.75 -12.13 -10.66
C THR A 165 -0.78 -12.06 -10.71
N ASN A 166 -1.36 -11.27 -9.82
CA ASN A 166 -2.81 -11.14 -9.77
C ASN A 166 -3.37 -10.51 -11.05
N SER A 167 -2.57 -9.66 -11.68
CA SER A 167 -2.97 -9.00 -12.92
C SER A 167 -2.94 -10.02 -14.06
N ARG A 168 -1.93 -10.88 -14.05
CA ARG A 168 -1.79 -11.91 -15.07
C ARG A 168 -2.90 -12.97 -14.94
N GLU A 169 -3.32 -13.25 -13.71
CA GLU A 169 -4.39 -14.22 -13.50
C GLU A 169 -5.71 -13.69 -14.07
N GLN A 170 -5.92 -12.38 -14.00
CA GLN A 170 -7.14 -11.77 -14.53
C GLN A 170 -7.13 -11.85 -16.05
N LYS A 171 -5.94 -11.66 -16.62
CA LYS A 171 -5.75 -11.73 -18.06
C LYS A 171 -6.10 -13.14 -18.56
N LYS A 172 -5.80 -14.16 -17.76
CA LYS A 172 -6.11 -15.55 -18.10
C LYS A 172 -7.62 -15.73 -18.25
N ILE A 173 -8.37 -15.15 -17.32
CA ILE A 173 -9.82 -15.23 -17.34
C ILE A 173 -10.37 -14.50 -18.56
N LEU A 174 -9.86 -13.31 -18.82
CA LEU A 174 -10.31 -12.51 -19.96
C LEU A 174 -10.03 -13.22 -21.27
N ALA A 175 -8.84 -13.82 -21.38
CA ALA A 175 -8.45 -14.53 -22.59
C ALA A 175 -9.33 -15.74 -22.88
N LYS A 176 -9.76 -16.42 -21.82
CA LYS A 176 -10.60 -17.61 -21.95
C LYS A 176 -11.99 -17.27 -22.50
N TYR A 177 -12.61 -16.24 -21.93
CA TYR A 177 -13.94 -15.84 -22.33
C TYR A 177 -13.97 -15.07 -23.66
N LEU A 178 -12.91 -14.31 -23.92
CA LEU A 178 -12.81 -13.56 -25.17
C LEU A 178 -12.63 -14.56 -26.32
N LEU A 179 -11.82 -15.58 -26.09
CA LEU A 179 -11.58 -16.60 -27.11
C LEU A 179 -12.86 -17.40 -27.39
N GLU A 180 -13.60 -17.73 -26.32
CA GLU A 180 -14.84 -18.48 -26.47
C GLU A 180 -15.96 -17.69 -27.17
N THR A 181 -16.07 -16.41 -26.85
CA THR A 181 -17.13 -15.57 -27.43
C THR A 181 -16.80 -14.89 -28.76
N SER A 182 -15.52 -14.74 -29.09
CA SER A 182 -15.13 -14.05 -30.31
C SER A 182 -14.32 -14.90 -31.29
N GLY A 183 -13.55 -15.84 -30.78
CA GLY A 183 -12.74 -16.71 -31.61
C GLY A 183 -11.29 -16.27 -31.71
N ASN A 184 -10.94 -15.19 -31.00
CA ASN A 184 -9.57 -14.68 -31.02
C ASN A 184 -9.28 -13.85 -29.76
N LEU A 185 -8.09 -13.26 -29.71
CA LEU A 185 -7.68 -12.45 -28.57
C LEU A 185 -7.43 -10.97 -28.93
N ASP A 186 -8.04 -10.49 -30.01
CA ASP A 186 -7.87 -9.10 -30.42
C ASP A 186 -8.32 -8.16 -29.29
N GLY A 187 -7.47 -7.21 -28.94
CA GLY A 187 -7.77 -6.21 -27.92
C GLY A 187 -7.68 -6.68 -26.48
N LEU A 188 -7.20 -7.91 -26.29
CA LEU A 188 -7.05 -8.48 -24.95
C LEU A 188 -6.17 -7.61 -24.05
N GLU A 189 -4.99 -7.26 -24.55
CA GLU A 189 -4.03 -6.45 -23.81
C GLU A 189 -4.55 -5.07 -23.40
N TYR A 190 -5.79 -4.77 -23.76
CA TYR A 190 -6.41 -3.48 -23.39
C TYR A 190 -7.68 -3.66 -22.54
N LYS A 191 -8.00 -4.88 -22.14
CA LYS A 191 -9.23 -5.14 -21.40
C LYS A 191 -9.23 -4.96 -19.88
N LEU A 192 -8.07 -4.65 -19.31
CA LEU A 192 -7.95 -4.40 -17.88
C LEU A 192 -7.18 -3.09 -17.72
N HIS A 193 -7.90 -2.01 -17.39
CA HIS A 193 -7.30 -0.68 -17.25
C HIS A 193 -7.08 -0.26 -15.79
N ASP A 194 -5.88 0.26 -15.52
CA ASP A 194 -5.48 0.68 -14.17
C ASP A 194 -6.12 2.02 -13.77
N PHE A 195 -7.02 1.97 -12.80
CA PHE A 195 -7.74 3.14 -12.27
C PHE A 195 -7.32 3.42 -10.82
N GLY A 196 -6.21 2.82 -10.36
CA GLY A 196 -5.82 2.89 -8.95
C GLY A 196 -4.91 3.96 -8.35
N TYR A 197 -4.53 4.97 -9.12
CA TYR A 197 -3.66 6.02 -8.61
C TYR A 197 -4.10 6.61 -7.26
N ARG A 198 -5.33 7.09 -7.20
CA ARG A 198 -5.81 7.71 -5.95
C ARG A 198 -6.10 6.70 -4.85
N GLY A 199 -6.25 5.42 -5.23
CA GLY A 199 -6.59 4.35 -4.31
C GLY A 199 -5.44 3.61 -3.63
N VAL A 200 -4.21 4.03 -3.89
CA VAL A 200 -3.06 3.41 -3.25
C VAL A 200 -2.57 4.22 -2.06
N SER A 201 -1.63 3.65 -1.31
CA SER A 201 -1.12 4.27 -0.10
C SER A 201 -0.10 5.40 -0.27
N SER A 202 0.49 5.54 -1.46
CA SER A 202 1.48 6.61 -1.67
C SER A 202 1.86 6.79 -3.13
N GLN A 203 2.64 7.84 -3.41
CA GLN A 203 3.11 8.12 -4.76
C GLN A 203 4.07 7.01 -5.23
N GLU A 204 4.98 6.59 -4.34
CA GLU A 204 5.94 5.54 -4.71
C GLU A 204 5.25 4.22 -5.04
N THR A 205 4.22 3.88 -4.26
CA THR A 205 3.47 2.65 -4.46
C THR A 205 2.75 2.72 -5.81
N ALA A 206 2.21 3.89 -6.12
CA ALA A 206 1.50 4.10 -7.38
C ALA A 206 2.39 3.73 -8.58
N GLY A 207 3.63 4.20 -8.55
CA GLY A 207 4.56 3.93 -9.64
C GLY A 207 4.96 2.46 -9.71
N ILE A 208 5.29 1.87 -8.56
CA ILE A 208 5.69 0.46 -8.54
C ILE A 208 4.56 -0.45 -9.01
N GLY A 209 3.38 -0.23 -8.45
CA GLY A 209 2.20 -1.04 -8.76
C GLY A 209 1.75 -0.92 -10.20
N ALA A 210 1.68 0.31 -10.70
CA ALA A 210 1.26 0.55 -12.06
C ALA A 210 2.21 -0.13 -13.04
N SER A 211 3.50 -0.10 -12.73
CA SER A 211 4.52 -0.71 -13.58
C SER A 211 4.35 -2.23 -13.60
N ALA A 212 3.94 -2.80 -12.48
CA ALA A 212 3.75 -4.25 -12.39
C ALA A 212 2.56 -4.70 -13.23
N HIS A 213 1.50 -3.87 -13.25
CA HIS A 213 0.32 -4.17 -14.05
C HIS A 213 0.65 -4.10 -15.55
N LEU A 214 1.55 -3.18 -15.91
CA LEU A 214 1.95 -2.98 -17.30
C LEU A 214 2.74 -4.15 -17.86
N VAL A 215 3.09 -5.09 -17.00
CA VAL A 215 3.80 -6.28 -17.44
C VAL A 215 2.84 -7.10 -18.30
N ASN A 216 1.55 -7.02 -17.98
CA ASN A 216 0.52 -7.79 -18.66
C ASN A 216 -0.39 -7.00 -19.63
N PHE A 217 -0.67 -5.75 -19.32
CA PHE A 217 -1.56 -4.95 -20.16
C PHE A 217 -0.90 -3.66 -20.64
N LYS A 218 -1.62 -2.91 -21.46
CA LYS A 218 -1.09 -1.66 -22.02
C LYS A 218 -1.88 -0.41 -21.59
N GLY A 219 -2.97 -0.60 -20.84
CA GLY A 219 -3.80 0.51 -20.41
C GLY A 219 -3.61 0.94 -18.96
N THR A 220 -3.35 2.22 -18.76
CA THR A 220 -3.15 2.78 -17.42
C THR A 220 -3.44 4.27 -17.35
N ASP A 221 -3.93 4.71 -16.19
CA ASP A 221 -4.17 6.13 -15.95
C ASP A 221 -3.28 6.57 -14.79
N THR A 222 -2.50 5.63 -14.29
CA THR A 222 -1.56 5.91 -13.21
C THR A 222 -0.24 6.31 -13.86
N VAL A 223 -0.16 7.58 -14.26
CA VAL A 223 0.99 8.16 -14.96
C VAL A 223 2.35 7.80 -14.35
N ALA A 224 2.41 7.78 -13.02
CA ALA A 224 3.65 7.48 -12.30
C ALA A 224 4.38 6.22 -12.78
N GLY A 225 3.63 5.26 -13.33
CA GLY A 225 4.20 4.02 -13.81
C GLY A 225 5.13 4.20 -15.01
N LEU A 226 4.79 5.13 -15.89
CA LEU A 226 5.60 5.37 -17.09
C LEU A 226 7.04 5.75 -16.75
N ALA A 227 7.20 6.76 -15.89
CA ALA A 227 8.51 7.26 -15.51
C ALA A 227 9.38 6.20 -14.84
N LEU A 228 8.77 5.36 -14.03
CA LEU A 228 9.50 4.31 -13.33
C LEU A 228 10.10 3.32 -14.32
N ILE A 229 9.29 2.87 -15.27
CA ILE A 229 9.71 1.90 -16.26
C ILE A 229 10.87 2.46 -17.11
N LYS A 230 10.69 3.68 -17.60
CA LYS A 230 11.69 4.34 -18.44
C LYS A 230 13.08 4.43 -17.77
N LYS A 231 13.09 4.80 -16.49
CA LYS A 231 14.33 4.98 -15.74
C LYS A 231 15.01 3.71 -15.22
N TYR A 232 14.21 2.70 -14.86
CA TYR A 232 14.75 1.48 -14.30
C TYR A 232 14.74 0.22 -15.19
N TYR A 233 13.92 0.23 -16.24
CA TYR A 233 13.81 -0.94 -17.11
C TYR A 233 14.01 -0.61 -18.59
N GLY A 234 13.21 0.31 -19.11
CA GLY A 234 13.31 0.76 -20.49
C GLY A 234 12.51 -0.03 -21.51
N THR A 235 11.99 0.68 -22.51
CA THR A 235 11.23 0.06 -23.59
C THR A 235 11.69 0.59 -24.95
N LYS A 236 11.48 -0.20 -25.99
CA LYS A 236 11.82 0.21 -27.34
C LYS A 236 10.88 1.36 -27.75
N ASP A 237 9.64 1.28 -27.31
CA ASP A 237 8.65 2.32 -27.60
C ASP A 237 8.83 3.52 -26.66
N PRO A 238 8.32 4.69 -27.06
CA PRO A 238 8.42 5.90 -26.24
C PRO A 238 7.81 5.72 -24.85
N VAL A 239 6.66 5.06 -24.79
CA VAL A 239 5.97 4.79 -23.53
C VAL A 239 5.42 3.36 -23.50
N PRO A 240 5.25 2.79 -22.29
CA PRO A 240 4.76 1.41 -22.18
C PRO A 240 3.26 1.30 -21.91
N GLY A 241 2.59 2.43 -21.66
CA GLY A 241 1.16 2.43 -21.37
C GLY A 241 0.39 3.58 -21.98
N TYR A 242 -0.89 3.35 -22.26
CA TYR A 242 -1.72 4.35 -22.91
C TYR A 242 -3.05 4.66 -22.24
N SER A 243 -3.61 5.82 -22.59
CA SER A 243 -4.90 6.27 -22.07
C SER A 243 -5.68 7.01 -23.15
N VAL A 244 -6.94 7.31 -22.85
CA VAL A 244 -7.81 8.06 -23.77
C VAL A 244 -8.51 9.15 -22.99
N PRO A 245 -8.97 10.21 -23.68
CA PRO A 245 -9.67 11.27 -22.93
C PRO A 245 -10.92 10.68 -22.27
N ALA A 246 -11.27 11.19 -21.09
CA ALA A 246 -12.42 10.66 -20.37
C ALA A 246 -12.97 11.65 -19.36
N ALA A 247 -14.26 11.50 -19.05
CA ALA A 247 -14.93 12.38 -18.10
C ALA A 247 -14.93 11.80 -16.68
N GLU A 248 -15.13 12.67 -15.70
CA GLU A 248 -15.28 12.27 -14.30
C GLU A 248 -16.59 12.90 -13.83
N HIS A 249 -17.03 12.58 -12.63
CA HIS A 249 -18.29 13.14 -12.16
C HIS A 249 -18.34 14.67 -12.14
N SER A 250 -17.22 15.29 -11.77
CA SER A 250 -17.16 16.75 -11.73
C SER A 250 -17.40 17.43 -13.09
N THR A 251 -16.87 16.84 -14.17
CA THR A 251 -17.06 17.43 -15.50
C THR A 251 -18.45 17.25 -16.07
N ILE A 252 -19.23 16.34 -15.47
CA ILE A 252 -20.61 16.15 -15.88
C ILE A 252 -21.54 16.99 -14.99
N THR A 253 -21.42 16.81 -13.67
CA THR A 253 -22.28 17.51 -12.72
C THR A 253 -22.13 19.04 -12.69
N ALA A 254 -20.97 19.54 -13.06
CA ALA A 254 -20.74 20.99 -13.05
C ALA A 254 -21.71 21.73 -13.98
N TRP A 255 -22.28 21.01 -14.94
CA TRP A 255 -23.21 21.60 -15.89
C TRP A 255 -24.60 21.82 -15.30
N GLY A 256 -24.87 21.16 -14.18
CA GLY A 256 -26.16 21.26 -13.52
C GLY A 256 -27.00 20.02 -13.78
N LYS A 257 -27.74 19.61 -12.75
CA LYS A 257 -28.59 18.42 -12.82
C LYS A 257 -29.42 18.30 -14.10
N ASP A 258 -30.05 19.40 -14.50
CA ASP A 258 -30.90 19.42 -15.69
C ASP A 258 -30.14 19.49 -17.02
N HIS A 259 -28.82 19.61 -16.97
CA HIS A 259 -28.06 19.72 -18.21
C HIS A 259 -27.07 18.59 -18.50
N GLU A 260 -27.40 17.37 -18.05
CA GLU A 260 -26.54 16.22 -18.30
C GLU A 260 -26.34 16.03 -19.81
N LYS A 261 -27.39 16.23 -20.59
CA LYS A 261 -27.30 16.09 -22.04
C LYS A 261 -26.31 17.07 -22.67
N ASP A 262 -26.34 18.32 -22.25
CA ASP A 262 -25.43 19.35 -22.79
C ASP A 262 -23.98 18.98 -22.49
N ALA A 263 -23.75 18.42 -21.30
CA ALA A 263 -22.42 17.99 -20.89
C ALA A 263 -21.94 16.88 -21.83
N PHE A 264 -22.77 15.87 -22.03
CA PHE A 264 -22.44 14.74 -22.90
C PHE A 264 -22.10 15.24 -24.31
N GLU A 265 -22.98 16.07 -24.85
CA GLU A 265 -22.82 16.58 -26.21
C GLU A 265 -21.50 17.34 -26.40
N HIS A 266 -21.21 18.25 -25.48
CA HIS A 266 -19.99 19.05 -25.51
C HIS A 266 -18.75 18.17 -25.44
N ILE A 267 -18.77 17.17 -24.57
CA ILE A 267 -17.62 16.29 -24.41
C ILE A 267 -17.31 15.42 -25.62
N VAL A 268 -18.33 14.80 -26.19
CA VAL A 268 -18.13 13.95 -27.37
C VAL A 268 -17.71 14.78 -28.59
N THR A 269 -18.14 16.04 -28.61
CA THR A 269 -17.79 16.94 -29.72
C THR A 269 -16.34 17.42 -29.58
N GLN A 270 -15.91 17.67 -28.35
CA GLN A 270 -14.54 18.10 -28.10
C GLN A 270 -13.56 16.99 -28.48
N PHE A 271 -13.97 15.74 -28.31
CA PHE A 271 -13.13 14.59 -28.65
C PHE A 271 -13.85 13.72 -29.67
N SER A 272 -14.12 14.29 -30.84
CA SER A 272 -14.87 13.58 -31.88
C SER A 272 -14.07 12.65 -32.77
N SER A 273 -12.75 12.79 -32.77
CA SER A 273 -11.90 11.97 -33.63
C SER A 273 -10.99 10.99 -32.90
N VAL A 274 -11.18 10.87 -31.59
CA VAL A 274 -10.42 9.92 -30.79
C VAL A 274 -11.40 9.23 -29.84
N PRO A 275 -11.01 8.06 -29.30
CA PRO A 275 -11.94 7.40 -28.37
C PRO A 275 -12.16 8.26 -27.13
N VAL A 276 -13.36 8.18 -26.57
CA VAL A 276 -13.70 8.94 -25.38
C VAL A 276 -14.61 8.15 -24.44
N SER A 277 -14.19 8.07 -23.17
CA SER A 277 -14.96 7.37 -22.15
C SER A 277 -15.80 8.42 -21.41
N VAL A 278 -17.09 8.14 -21.22
CA VAL A 278 -17.98 9.09 -20.57
C VAL A 278 -18.77 8.45 -19.42
N VAL A 279 -18.49 8.89 -18.19
CA VAL A 279 -19.22 8.39 -17.02
C VAL A 279 -20.69 8.80 -17.15
N SER A 280 -21.58 7.82 -17.10
CA SER A 280 -23.00 8.07 -17.34
C SER A 280 -23.96 7.76 -16.21
N ASP A 281 -23.44 7.53 -15.00
CA ASP A 281 -24.29 7.18 -13.87
C ASP A 281 -24.54 8.31 -12.87
N SER A 282 -24.19 9.54 -13.23
CA SER A 282 -24.36 10.68 -12.32
C SER A 282 -25.72 10.74 -11.61
N TYR A 283 -26.80 10.55 -12.36
CA TYR A 283 -28.14 10.59 -11.80
C TYR A 283 -28.95 9.33 -12.07
N ASP A 284 -28.89 8.86 -13.31
CA ASP A 284 -29.61 7.65 -13.69
C ASP A 284 -28.95 7.00 -14.90
N ILE A 285 -28.09 6.03 -14.66
CA ILE A 285 -27.37 5.33 -15.73
C ILE A 285 -28.27 4.76 -16.82
N TYR A 286 -29.42 4.22 -16.41
CA TYR A 286 -30.35 3.60 -17.36
C TYR A 286 -31.06 4.61 -18.24
N ASN A 287 -31.44 5.75 -17.66
CA ASN A 287 -32.05 6.81 -18.45
C ASN A 287 -31.03 7.39 -19.43
N ALA A 288 -29.79 7.53 -18.96
CA ALA A 288 -28.73 8.08 -19.81
C ALA A 288 -28.47 7.22 -21.05
N CYS A 289 -28.44 5.91 -20.86
CA CYS A 289 -28.19 4.97 -21.95
C CYS A 289 -29.36 4.92 -22.94
N GLU A 290 -30.57 4.81 -22.41
CA GLU A 290 -31.77 4.70 -23.23
C GLU A 290 -32.26 5.98 -23.89
N LYS A 291 -32.37 7.05 -23.12
CA LYS A 291 -32.87 8.32 -23.65
C LYS A 291 -31.82 9.29 -24.16
N ILE A 292 -30.76 9.52 -23.37
CA ILE A 292 -29.73 10.48 -23.77
C ILE A 292 -28.86 10.00 -24.93
N TRP A 293 -28.06 8.96 -24.68
CA TRP A 293 -27.21 8.40 -25.73
C TRP A 293 -28.08 7.70 -26.76
N GLY A 294 -29.09 6.98 -26.27
CA GLY A 294 -29.97 6.18 -27.10
C GLY A 294 -30.95 6.92 -27.98
N GLU A 295 -31.28 8.15 -27.61
CA GLU A 295 -32.24 8.94 -28.38
C GLU A 295 -31.79 10.36 -28.72
N ASP A 296 -31.72 11.21 -27.70
CA ASP A 296 -31.35 12.62 -27.90
C ASP A 296 -30.05 12.85 -28.66
N LEU A 297 -29.01 12.10 -28.30
CA LEU A 297 -27.69 12.30 -28.90
C LEU A 297 -27.24 11.17 -29.82
N ARG A 298 -28.15 10.27 -30.14
CA ARG A 298 -27.85 9.11 -30.99
C ARG A 298 -27.18 9.48 -32.31
N HIS A 299 -27.51 10.65 -32.86
CA HIS A 299 -26.95 11.10 -34.13
C HIS A 299 -25.45 11.44 -34.06
N LEU A 300 -24.98 11.81 -32.87
CA LEU A 300 -23.58 12.16 -32.70
C LEU A 300 -22.76 10.90 -32.39
N ILE A 301 -23.44 9.78 -32.22
CA ILE A 301 -22.80 8.51 -31.88
C ILE A 301 -22.62 7.61 -33.11
N VAL A 302 -23.69 7.42 -33.87
CA VAL A 302 -23.63 6.55 -35.04
C VAL A 302 -22.75 7.11 -36.16
N SER A 303 -22.28 8.36 -35.99
CA SER A 303 -21.44 8.99 -37.00
C SER A 303 -19.95 8.83 -36.67
N ARG A 304 -19.66 8.25 -35.51
CA ARG A 304 -18.27 8.09 -35.06
C ARG A 304 -17.47 7.01 -35.79
N SER A 305 -16.17 7.25 -35.90
CA SER A 305 -15.26 6.33 -36.56
C SER A 305 -14.96 5.10 -35.70
N THR A 306 -14.58 4.02 -36.35
CA THR A 306 -14.22 2.78 -35.67
C THR A 306 -12.97 2.98 -34.81
N GLN A 307 -12.21 4.03 -35.12
CA GLN A 307 -10.99 4.35 -34.37
C GLN A 307 -11.30 5.29 -33.22
N ALA A 308 -12.54 5.78 -33.16
CA ALA A 308 -12.92 6.72 -32.11
C ALA A 308 -14.31 6.40 -31.54
N PRO A 309 -14.45 5.23 -30.89
CA PRO A 309 -15.75 4.89 -30.32
C PRO A 309 -16.07 5.69 -29.06
N LEU A 310 -17.36 5.73 -28.73
CA LEU A 310 -17.80 6.32 -27.48
C LEU A 310 -17.80 5.13 -26.53
N ILE A 311 -17.18 5.30 -25.37
CA ILE A 311 -17.12 4.23 -24.40
C ILE A 311 -17.94 4.60 -23.16
N ILE A 312 -19.13 4.03 -23.07
CA ILE A 312 -20.04 4.31 -21.96
C ILE A 312 -19.52 3.69 -20.66
N ARG A 313 -19.47 4.48 -19.59
CA ARG A 313 -18.97 3.98 -18.33
C ARG A 313 -19.96 4.07 -17.17
N PRO A 314 -20.51 2.93 -16.74
CA PRO A 314 -21.36 2.98 -15.54
C PRO A 314 -20.37 3.00 -14.37
N ASP A 315 -20.83 3.42 -13.20
CA ASP A 315 -19.94 3.51 -12.05
C ASP A 315 -20.59 3.22 -10.70
N SER A 316 -21.72 2.53 -10.71
CA SER A 316 -22.43 2.24 -9.44
C SER A 316 -23.41 1.08 -9.58
N GLY A 317 -23.86 0.57 -8.44
CA GLY A 317 -24.80 -0.54 -8.38
C GLY A 317 -24.10 -1.87 -8.46
N ASN A 318 -24.88 -2.95 -8.48
CA ASN A 318 -24.33 -4.30 -8.58
C ASN A 318 -23.59 -4.38 -9.91
N PRO A 319 -22.29 -4.71 -9.88
CA PRO A 319 -21.52 -4.70 -11.13
C PRO A 319 -22.07 -5.57 -12.25
N LEU A 320 -22.47 -6.81 -11.92
CA LEU A 320 -23.01 -7.72 -12.93
C LEU A 320 -24.39 -7.28 -13.44
N ASP A 321 -25.28 -6.96 -12.52
CA ASP A 321 -26.64 -6.55 -12.89
C ASP A 321 -26.61 -5.31 -13.75
N THR A 322 -25.76 -4.35 -13.37
CA THR A 322 -25.63 -3.09 -14.10
C THR A 322 -25.13 -3.29 -15.51
N VAL A 323 -24.10 -4.11 -15.66
CA VAL A 323 -23.54 -4.37 -16.98
C VAL A 323 -24.53 -5.05 -17.92
N LEU A 324 -25.25 -6.04 -17.40
CA LEU A 324 -26.23 -6.78 -18.20
C LEU A 324 -27.41 -5.90 -18.65
N LYS A 325 -27.90 -5.05 -17.77
CA LYS A 325 -29.01 -4.16 -18.10
C LYS A 325 -28.56 -3.08 -19.08
N VAL A 326 -27.35 -2.56 -18.87
CA VAL A 326 -26.79 -1.55 -19.76
C VAL A 326 -26.72 -2.11 -21.19
N LEU A 327 -26.20 -3.32 -21.33
CA LEU A 327 -26.08 -3.97 -22.64
C LEU A 327 -27.46 -4.24 -23.27
N GLU A 328 -28.40 -4.68 -22.45
CA GLU A 328 -29.76 -4.97 -22.93
C GLU A 328 -30.37 -3.70 -23.51
N ILE A 329 -30.20 -2.60 -22.79
CA ILE A 329 -30.72 -1.31 -23.24
C ILE A 329 -30.09 -0.89 -24.57
N LEU A 330 -28.76 -0.92 -24.63
CA LEU A 330 -28.04 -0.50 -25.83
C LEU A 330 -28.40 -1.35 -27.04
N GLY A 331 -28.57 -2.65 -26.81
CA GLY A 331 -28.91 -3.59 -27.86
C GLY A 331 -30.25 -3.27 -28.52
N LYS A 332 -31.07 -2.50 -27.81
CA LYS A 332 -32.39 -2.12 -28.32
C LYS A 332 -32.40 -0.74 -28.98
N LYS A 333 -31.38 0.06 -28.71
CA LYS A 333 -31.28 1.40 -29.30
C LYS A 333 -30.31 1.46 -30.47
N PHE A 334 -29.41 0.48 -30.54
CA PHE A 334 -28.38 0.45 -31.57
C PHE A 334 -28.39 -0.88 -32.33
N PRO A 335 -27.86 -0.88 -33.57
CA PRO A 335 -27.81 -2.09 -34.41
C PRO A 335 -26.77 -3.10 -33.95
N VAL A 336 -27.23 -4.21 -33.42
CA VAL A 336 -26.31 -5.26 -32.97
C VAL A 336 -26.24 -6.39 -33.99
N THR A 337 -25.04 -6.95 -34.14
CA THR A 337 -24.81 -8.05 -35.07
C THR A 337 -24.49 -9.30 -34.25
N GLU A 338 -24.45 -10.44 -34.93
CA GLU A 338 -24.10 -11.72 -34.31
C GLU A 338 -22.79 -12.20 -34.93
N ASN A 339 -21.72 -12.20 -34.15
CA ASN A 339 -20.43 -12.64 -34.66
C ASN A 339 -20.46 -14.12 -35.06
N SER A 340 -19.35 -14.61 -35.59
CA SER A 340 -19.26 -15.99 -36.07
C SER A 340 -19.42 -17.07 -34.99
N LYS A 341 -19.35 -16.69 -33.72
CA LYS A 341 -19.51 -17.65 -32.63
C LYS A 341 -20.94 -17.66 -32.09
N GLY A 342 -21.77 -16.77 -32.64
CA GLY A 342 -23.16 -16.67 -32.23
C GLY A 342 -23.37 -15.66 -31.12
N TYR A 343 -22.34 -14.88 -30.81
CA TYR A 343 -22.43 -13.90 -29.74
C TYR A 343 -22.75 -12.49 -30.24
N LYS A 344 -23.58 -11.78 -29.49
CA LYS A 344 -24.00 -10.43 -29.87
C LYS A 344 -22.88 -9.41 -29.83
N LEU A 345 -22.87 -8.51 -30.81
CA LEU A 345 -21.86 -7.48 -30.92
C LEU A 345 -22.42 -6.09 -31.19
N LEU A 346 -22.06 -5.13 -30.35
CA LEU A 346 -22.50 -3.74 -30.53
C LEU A 346 -21.79 -3.16 -31.76
N PRO A 347 -22.35 -2.09 -32.35
CA PRO A 347 -21.63 -1.51 -33.49
C PRO A 347 -20.27 -0.98 -33.04
N PRO A 348 -19.28 -0.97 -33.95
CA PRO A 348 -17.88 -0.57 -33.73
C PRO A 348 -17.63 0.81 -33.12
N TYR A 349 -18.60 1.71 -33.21
CA TYR A 349 -18.46 3.03 -32.62
C TYR A 349 -18.98 3.07 -31.18
N LEU A 350 -19.34 1.90 -30.64
CA LEU A 350 -19.89 1.81 -29.29
C LEU A 350 -19.37 0.65 -28.44
N ARG A 351 -18.82 0.99 -27.27
CA ARG A 351 -18.32 0.00 -26.32
C ARG A 351 -18.72 0.38 -24.90
N VAL A 352 -18.31 -0.43 -23.94
CA VAL A 352 -18.64 -0.20 -22.53
C VAL A 352 -17.42 -0.51 -21.66
N ILE A 353 -17.27 0.24 -20.58
CA ILE A 353 -16.21 -0.05 -19.61
C ILE A 353 -16.79 -0.02 -18.20
N GLN A 354 -16.65 -1.13 -17.49
CA GLN A 354 -17.14 -1.25 -16.12
C GLN A 354 -15.93 -1.08 -15.20
N GLY A 355 -15.89 0.02 -14.45
CA GLY A 355 -14.77 0.31 -13.59
C GLY A 355 -15.08 0.52 -12.11
N ASP A 356 -16.16 -0.09 -11.64
CA ASP A 356 -16.54 0.01 -10.25
C ASP A 356 -16.69 -1.40 -9.66
N GLY A 357 -16.17 -1.59 -8.45
CA GLY A 357 -16.25 -2.86 -7.76
C GLY A 357 -15.63 -4.02 -8.52
N VAL A 358 -14.58 -3.74 -9.29
CA VAL A 358 -13.92 -4.78 -10.06
C VAL A 358 -12.67 -5.33 -9.38
N ASP A 359 -12.67 -6.65 -9.17
CA ASP A 359 -11.53 -7.39 -8.64
C ASP A 359 -11.51 -8.77 -9.32
N ILE A 360 -10.51 -9.60 -9.03
CA ILE A 360 -10.46 -10.90 -9.70
C ILE A 360 -11.73 -11.72 -9.61
N ASN A 361 -12.43 -11.62 -8.47
CA ASN A 361 -13.66 -12.37 -8.25
C ASN A 361 -14.86 -11.87 -9.04
N THR A 362 -15.10 -10.56 -9.00
CA THR A 362 -16.23 -9.99 -9.73
C THR A 362 -16.00 -9.99 -11.23
N LEU A 363 -14.74 -9.88 -11.66
CA LEU A 363 -14.44 -9.90 -13.08
C LEU A 363 -14.90 -11.23 -13.68
N GLN A 364 -14.62 -12.32 -12.97
CA GLN A 364 -15.04 -13.65 -13.39
C GLN A 364 -16.56 -13.77 -13.49
N GLU A 365 -17.26 -13.23 -12.51
CA GLU A 365 -18.72 -13.28 -12.49
C GLU A 365 -19.32 -12.51 -13.65
N ILE A 366 -18.72 -11.37 -14.00
CA ILE A 366 -19.21 -10.57 -15.10
C ILE A 366 -19.07 -11.23 -16.47
N VAL A 367 -17.88 -11.74 -16.79
CA VAL A 367 -17.71 -12.38 -18.10
C VAL A 367 -18.55 -13.66 -18.23
N GLU A 368 -18.73 -14.37 -17.12
CA GLU A 368 -19.56 -15.56 -17.12
C GLU A 368 -21.02 -15.18 -17.38
N GLY A 369 -21.50 -14.18 -16.65
CA GLY A 369 -22.84 -13.67 -16.80
C GLY A 369 -23.09 -13.15 -18.19
N MET A 370 -22.08 -12.49 -18.77
CA MET A 370 -22.19 -11.97 -20.14
C MET A 370 -22.32 -13.11 -21.14
N LYS A 371 -21.47 -14.13 -20.99
CA LYS A 371 -21.52 -15.28 -21.87
C LYS A 371 -22.88 -15.99 -21.82
N GLN A 372 -23.44 -16.11 -20.61
CA GLN A 372 -24.74 -16.76 -20.43
C GLN A 372 -25.85 -16.03 -21.17
N LYS A 373 -25.75 -14.70 -21.24
CA LYS A 373 -26.73 -13.89 -21.94
C LYS A 373 -26.35 -13.64 -23.40
N MET A 374 -25.37 -14.40 -23.89
CA MET A 374 -24.90 -14.31 -25.27
C MET A 374 -24.26 -13.00 -25.72
N TRP A 375 -23.57 -12.32 -24.80
CA TRP A 375 -22.87 -11.08 -25.13
C TRP A 375 -21.37 -11.36 -25.28
N SER A 376 -20.80 -10.89 -26.38
CA SER A 376 -19.38 -11.12 -26.61
C SER A 376 -18.53 -10.27 -25.67
N ILE A 377 -17.38 -10.80 -25.27
CA ILE A 377 -16.46 -10.07 -24.39
C ILE A 377 -15.81 -8.90 -25.14
N GLU A 378 -15.91 -8.89 -26.46
CA GLU A 378 -15.33 -7.79 -27.23
C GLU A 378 -16.04 -6.46 -26.98
N ASN A 379 -17.26 -6.52 -26.45
CA ASN A 379 -18.06 -5.32 -26.19
C ASN A 379 -17.57 -4.53 -24.99
N ILE A 380 -16.78 -5.17 -24.13
CA ILE A 380 -16.41 -4.58 -22.86
C ILE A 380 -14.93 -4.52 -22.52
N ALA A 381 -14.60 -3.60 -21.62
CA ALA A 381 -13.27 -3.47 -21.05
C ALA A 381 -13.51 -3.25 -19.56
N PHE A 382 -12.52 -3.55 -18.74
CA PHE A 382 -12.68 -3.37 -17.30
C PHE A 382 -11.65 -2.40 -16.73
N GLY A 383 -12.08 -1.62 -15.75
CA GLY A 383 -11.21 -0.72 -15.04
C GLY A 383 -11.17 -1.22 -13.60
N SER A 384 -10.01 -1.17 -12.97
CA SER A 384 -9.85 -1.64 -11.59
C SER A 384 -8.85 -0.75 -10.85
N GLY A 385 -9.22 -0.32 -9.64
CA GLY A 385 -8.38 0.56 -8.84
C GLY A 385 -7.84 -0.11 -7.58
N GLY A 386 -8.61 -0.05 -6.50
CA GLY A 386 -8.22 -0.67 -5.25
C GLY A 386 -8.01 -2.17 -5.38
N GLY A 387 -8.81 -2.82 -6.20
CA GLY A 387 -8.70 -4.26 -6.42
C GLY A 387 -7.42 -4.67 -7.12
N LEU A 388 -6.94 -3.77 -7.98
CA LEU A 388 -5.73 -4.01 -8.77
C LEU A 388 -4.44 -3.69 -8.02
N LEU A 389 -4.40 -2.52 -7.38
CA LEU A 389 -3.17 -2.04 -6.72
C LEU A 389 -3.11 -2.01 -5.20
N GLN A 390 -4.25 -2.01 -4.52
CA GLN A 390 -4.24 -1.88 -3.07
C GLN A 390 -4.71 -3.06 -2.22
N LYS A 391 -5.78 -3.71 -2.65
CA LYS A 391 -6.35 -4.82 -1.88
C LYS A 391 -5.54 -6.11 -2.03
N LEU A 392 -4.27 -6.05 -1.64
CA LEU A 392 -3.37 -7.20 -1.73
C LEU A 392 -2.41 -7.13 -0.55
N THR A 393 -1.94 -8.30 -0.10
CA THR A 393 -1.02 -8.37 1.03
C THR A 393 0.10 -9.37 0.80
N ARG A 394 1.11 -9.32 1.67
CA ARG A 394 2.24 -10.22 1.59
C ARG A 394 1.83 -11.67 1.89
N ASP A 395 0.61 -11.82 2.41
CA ASP A 395 0.09 -13.15 2.75
C ASP A 395 -0.59 -13.86 1.58
N LEU A 396 -1.01 -13.10 0.57
CA LEU A 396 -1.68 -13.69 -0.59
C LEU A 396 -0.86 -14.79 -1.26
N LEU A 397 0.43 -14.53 -1.48
CA LEU A 397 1.33 -15.51 -2.07
C LEU A 397 2.35 -16.07 -1.07
N ASN A 398 2.14 -15.78 0.21
CA ASN A 398 3.02 -16.27 1.27
C ASN A 398 4.50 -15.96 1.01
N CYS A 399 4.79 -14.72 0.65
CA CYS A 399 6.15 -14.29 0.36
C CYS A 399 6.98 -14.30 1.64
N SER A 400 8.08 -15.04 1.61
CA SER A 400 8.92 -15.21 2.79
C SER A 400 10.43 -15.13 2.51
N PHE A 401 11.16 -14.58 3.48
CA PHE A 401 12.61 -14.43 3.39
C PHE A 401 13.23 -15.12 4.63
N LYS A 402 14.05 -16.14 4.41
CA LYS A 402 14.62 -16.89 5.52
C LYS A 402 16.07 -17.31 5.32
N CYS A 403 16.81 -17.42 6.42
CA CYS A 403 18.19 -17.87 6.38
C CYS A 403 18.16 -19.39 6.23
N SER A 404 18.96 -19.92 5.33
CA SER A 404 19.00 -21.36 5.09
C SER A 404 20.38 -21.99 5.23
N TYR A 405 21.40 -21.16 5.39
CA TYR A 405 22.77 -21.66 5.48
C TYR A 405 23.70 -20.65 6.13
N VAL A 406 24.57 -21.14 7.01
CA VAL A 406 25.56 -20.28 7.65
C VAL A 406 26.87 -21.05 7.78
N VAL A 407 27.96 -20.31 7.88
CA VAL A 407 29.27 -20.91 8.12
C VAL A 407 29.74 -20.36 9.46
N THR A 408 30.08 -21.27 10.36
CA THR A 408 30.53 -20.90 11.70
C THR A 408 31.74 -21.76 12.03
N ASN A 409 32.84 -21.12 12.41
CA ASN A 409 34.07 -21.83 12.72
C ASN A 409 34.59 -22.57 11.49
N GLY A 410 34.36 -22.01 10.31
CA GLY A 410 34.79 -22.58 9.05
C GLY A 410 33.99 -23.78 8.58
N LEU A 411 32.89 -24.07 9.27
CA LEU A 411 32.04 -25.19 8.89
C LEU A 411 30.63 -24.73 8.59
N GLY A 412 30.15 -25.04 7.39
CA GLY A 412 28.81 -24.66 6.98
C GLY A 412 27.76 -25.63 7.49
N ILE A 413 26.62 -25.11 7.91
CA ILE A 413 25.51 -25.94 8.37
C ILE A 413 24.20 -25.48 7.72
N ASN A 414 23.31 -26.43 7.45
CA ASN A 414 22.02 -26.12 6.85
C ASN A 414 21.01 -25.77 7.94
N VAL A 415 20.49 -24.55 7.89
CA VAL A 415 19.53 -24.10 8.89
C VAL A 415 18.11 -23.93 8.35
N PHE A 416 17.14 -23.93 9.25
CA PHE A 416 15.74 -23.82 8.84
C PHE A 416 14.85 -23.71 10.07
N LYS A 417 13.60 -23.33 9.84
CA LYS A 417 12.61 -23.28 10.91
C LYS A 417 11.56 -24.32 10.57
N ASP A 418 10.85 -24.80 11.59
CA ASP A 418 9.84 -25.85 11.37
C ASP A 418 8.84 -25.82 12.51
N PRO A 419 8.05 -24.75 12.61
CA PRO A 419 7.08 -24.60 13.71
C PRO A 419 6.12 -25.78 13.78
N VAL A 420 5.98 -26.33 14.99
CA VAL A 420 5.09 -27.45 15.22
C VAL A 420 3.64 -27.20 14.82
N ALA A 421 3.14 -26.00 15.11
CA ALA A 421 1.74 -25.68 14.83
C ALA A 421 1.42 -25.32 13.38
N ASP A 422 2.44 -25.20 12.53
CA ASP A 422 2.21 -24.85 11.14
C ASP A 422 3.26 -25.39 10.17
N PRO A 423 3.01 -26.59 9.61
CA PRO A 423 3.93 -27.22 8.66
C PRO A 423 4.21 -26.39 7.41
N ASN A 424 3.33 -25.43 7.10
CA ASN A 424 3.51 -24.59 5.92
C ASN A 424 4.59 -23.53 6.11
N LYS A 425 4.95 -23.27 7.37
CA LYS A 425 5.97 -22.28 7.66
C LYS A 425 7.37 -22.91 7.67
N ARG A 426 7.45 -24.19 7.34
CA ARG A 426 8.73 -24.89 7.29
C ARG A 426 9.59 -24.31 6.16
N SER A 427 10.80 -23.86 6.50
CA SER A 427 11.70 -23.26 5.51
C SER A 427 12.65 -24.27 4.89
N LYS A 428 13.28 -23.89 3.77
CA LYS A 428 14.22 -24.75 3.05
C LYS A 428 15.59 -24.77 3.71
N LYS A 429 16.35 -25.85 3.51
CA LYS A 429 17.66 -26.01 4.12
C LYS A 429 18.89 -25.93 3.21
N GLY A 430 19.94 -25.28 3.70
CA GLY A 430 21.22 -25.17 3.01
C GLY A 430 21.30 -24.35 1.74
N ARG A 431 22.33 -24.62 0.94
CA ARG A 431 22.55 -23.90 -0.30
C ARG A 431 21.55 -24.31 -1.38
N LEU A 432 20.85 -23.32 -1.93
CA LEU A 432 19.81 -23.57 -2.91
C LEU A 432 20.16 -23.26 -4.36
N SER A 433 19.46 -23.94 -5.27
CA SER A 433 19.60 -23.74 -6.71
C SER A 433 18.29 -24.12 -7.40
N LEU A 434 17.99 -23.44 -8.50
CA LEU A 434 16.75 -23.67 -9.24
C LEU A 434 17.04 -24.40 -10.56
N HIS A 435 16.29 -25.47 -10.83
CA HIS A 435 16.54 -26.24 -12.04
C HIS A 435 15.31 -26.64 -12.86
N ARG A 436 15.59 -27.07 -14.08
CA ARG A 436 14.58 -27.57 -15.01
C ARG A 436 14.52 -29.07 -14.77
N THR A 437 13.31 -29.63 -14.67
CA THR A 437 13.17 -31.08 -14.50
C THR A 437 13.21 -31.75 -15.87
N PRO A 438 13.36 -33.09 -15.91
CA PRO A 438 13.40 -33.73 -17.22
C PRO A 438 12.14 -33.47 -18.05
N ALA A 439 11.02 -33.28 -17.36
CA ALA A 439 9.74 -33.01 -18.04
C ALA A 439 9.57 -31.53 -18.40
N GLY A 440 10.57 -30.71 -18.08
CA GLY A 440 10.54 -29.30 -18.38
C GLY A 440 9.97 -28.41 -17.28
N ASN A 441 9.76 -28.98 -16.10
CA ASN A 441 9.24 -28.20 -14.98
C ASN A 441 10.36 -27.62 -14.11
N PHE A 442 9.98 -27.00 -13.00
CA PHE A 442 10.93 -26.39 -12.08
C PHE A 442 11.08 -27.20 -10.80
N VAL A 443 12.29 -27.17 -10.24
CA VAL A 443 12.55 -27.85 -8.98
C VAL A 443 13.67 -27.10 -8.26
N THR A 444 13.52 -26.96 -6.94
CA THR A 444 14.51 -26.28 -6.13
C THR A 444 15.33 -27.34 -5.39
N LEU A 445 16.63 -27.36 -5.64
CA LEU A 445 17.52 -28.32 -4.97
C LEU A 445 18.06 -27.71 -3.69
N GLU A 446 18.02 -28.48 -2.62
CA GLU A 446 18.49 -28.02 -1.33
C GLU A 446 19.80 -28.70 -0.93
N GLU A 447 20.38 -28.24 0.17
CA GLU A 447 21.62 -28.80 0.71
C GLU A 447 22.78 -28.88 -0.27
N GLY A 448 22.89 -27.90 -1.15
CA GLY A 448 23.95 -27.82 -2.13
C GLY A 448 23.91 -28.91 -3.19
N LYS A 449 22.86 -29.71 -3.18
CA LYS A 449 22.72 -30.81 -4.15
C LYS A 449 22.86 -30.40 -5.61
N GLY A 450 22.62 -29.13 -5.90
CA GLY A 450 22.76 -28.65 -7.26
C GLY A 450 24.20 -28.84 -7.71
N ASP A 451 25.12 -28.89 -6.75
CA ASP A 451 26.54 -29.07 -7.04
C ASP A 451 26.75 -30.33 -7.87
N LEU A 452 25.88 -31.30 -7.67
CA LEU A 452 25.90 -32.51 -8.48
C LEU A 452 25.23 -32.03 -9.76
N GLU A 453 25.71 -32.48 -10.92
CA GLU A 453 25.16 -32.00 -12.18
C GLU A 453 24.01 -32.86 -12.70
N GLU A 454 23.22 -33.38 -11.78
CA GLU A 454 22.10 -34.26 -12.13
C GLU A 454 20.91 -33.54 -12.75
N TYR A 455 20.79 -32.24 -12.48
CA TYR A 455 19.67 -31.45 -13.00
C TYR A 455 20.13 -30.28 -13.86
N GLY A 456 21.32 -30.38 -14.44
CA GLY A 456 21.86 -29.34 -15.29
C GLY A 456 22.29 -28.08 -14.55
N GLN A 457 22.24 -26.95 -15.25
CA GLN A 457 22.66 -25.67 -14.68
C GLN A 457 21.61 -24.94 -13.86
N ASP A 458 22.10 -24.18 -12.88
CA ASP A 458 21.28 -23.37 -11.99
C ASP A 458 20.69 -22.22 -12.81
N LEU A 459 19.38 -22.01 -12.68
CA LEU A 459 18.69 -20.95 -13.41
C LEU A 459 18.87 -19.54 -12.84
N LEU A 460 19.32 -19.44 -11.58
CA LEU A 460 19.53 -18.13 -10.98
C LEU A 460 20.81 -17.49 -11.55
N HIS A 461 20.80 -16.16 -11.66
CA HIS A 461 21.94 -15.40 -12.17
C HIS A 461 22.32 -14.36 -11.14
N THR A 462 23.62 -14.06 -11.05
CA THR A 462 24.11 -13.01 -10.15
C THR A 462 23.63 -11.68 -10.72
N VAL A 463 22.83 -10.95 -9.96
CA VAL A 463 22.31 -9.67 -10.43
C VAL A 463 22.93 -8.49 -9.68
N PHE A 464 23.52 -8.78 -8.52
CA PHE A 464 24.15 -7.75 -7.71
C PHE A 464 25.36 -8.34 -6.99
N LYS A 465 26.46 -7.61 -7.01
CA LYS A 465 27.68 -8.05 -6.35
C LYS A 465 28.57 -6.87 -5.98
N ASN A 466 28.86 -6.75 -4.68
CA ASN A 466 29.74 -5.69 -4.18
C ASN A 466 29.41 -4.30 -4.71
N GLY A 467 28.16 -3.88 -4.49
CA GLY A 467 27.69 -2.56 -4.86
C GLY A 467 27.38 -2.29 -6.32
N LYS A 468 27.44 -3.31 -7.16
CA LYS A 468 27.16 -3.13 -8.58
C LYS A 468 26.10 -4.06 -9.12
N VAL A 469 25.26 -3.54 -10.01
CA VAL A 469 24.25 -4.35 -10.68
C VAL A 469 25.02 -5.07 -11.80
N THR A 470 24.99 -6.40 -11.77
CA THR A 470 25.76 -7.20 -12.72
C THR A 470 24.98 -7.79 -13.88
N LYS A 471 23.65 -7.71 -13.81
CA LYS A 471 22.81 -8.24 -14.88
C LYS A 471 21.42 -7.61 -14.80
N SER A 472 20.88 -7.21 -15.93
CA SER A 472 19.58 -6.54 -15.96
C SER A 472 18.70 -6.95 -17.15
N TYR A 473 17.45 -6.52 -17.11
CA TYR A 473 16.49 -6.84 -18.16
C TYR A 473 15.68 -5.62 -18.57
N SER A 474 15.36 -5.54 -19.85
CA SER A 474 14.55 -4.44 -20.36
C SER A 474 13.09 -4.79 -20.06
N PHE A 475 12.22 -3.78 -20.03
CA PHE A 475 10.81 -4.05 -19.78
C PHE A 475 10.23 -4.91 -20.90
N ASP A 476 10.85 -4.82 -22.08
CA ASP A 476 10.40 -5.60 -23.23
C ASP A 476 10.66 -7.09 -23.02
N GLU A 477 11.83 -7.43 -22.48
CA GLU A 477 12.18 -8.82 -22.21
C GLU A 477 11.25 -9.36 -21.12
N ILE A 478 11.01 -8.54 -20.11
CA ILE A 478 10.14 -8.92 -19.00
C ILE A 478 8.73 -9.28 -19.50
N ARG A 479 8.18 -8.44 -20.38
CA ARG A 479 6.86 -8.70 -20.93
C ARG A 479 6.86 -10.01 -21.72
N LYS A 480 7.94 -10.25 -22.46
CA LYS A 480 8.04 -11.48 -23.24
C LYS A 480 8.05 -12.68 -22.31
N ASN A 481 8.81 -12.56 -21.22
CA ASN A 481 8.93 -13.66 -20.26
C ASN A 481 7.60 -13.96 -19.57
N ALA A 482 6.78 -12.92 -19.41
CA ALA A 482 5.51 -13.03 -18.70
C ALA A 482 4.28 -13.38 -19.54
N GLN A 483 4.48 -13.63 -20.83
CA GLN A 483 3.38 -13.97 -21.73
C GLN A 483 2.56 -15.20 -21.31
N LEU A 484 1.32 -15.27 -21.78
CA LEU A 484 0.46 -16.41 -21.48
C LEU A 484 0.78 -17.54 -22.45
N ASN A 485 0.50 -18.78 -22.04
CA ASN A 485 0.72 -19.93 -22.91
C ASN A 485 -0.12 -19.81 -24.17
N PHE B 11 10.47 14.99 -8.93
CA PHE B 11 9.01 14.96 -8.87
C PHE B 11 8.39 16.07 -9.72
N ASN B 12 7.52 15.67 -10.62
CA ASN B 12 6.85 16.62 -11.52
C ASN B 12 5.34 16.55 -11.32
N ILE B 13 4.79 17.55 -10.63
CA ILE B 13 3.35 17.61 -10.35
C ILE B 13 2.46 17.46 -11.57
N LEU B 14 2.98 17.85 -12.74
CA LEU B 14 2.22 17.75 -13.98
C LEU B 14 2.08 16.28 -14.39
N LEU B 15 2.95 15.44 -13.85
CA LEU B 15 2.88 14.01 -14.14
C LEU B 15 2.39 13.23 -12.92
N ALA B 16 1.75 13.92 -11.99
CA ALA B 16 1.26 13.28 -10.77
C ALA B 16 -0.26 13.37 -10.62
N THR B 17 -0.98 12.91 -11.64
CA THR B 17 -2.43 12.93 -11.64
C THR B 17 -2.97 11.78 -12.49
N ASP B 18 -4.24 11.43 -12.29
CA ASP B 18 -4.88 10.40 -13.12
C ASP B 18 -4.87 10.95 -14.54
N SER B 19 -4.45 10.13 -15.50
CA SER B 19 -4.36 10.55 -16.90
C SER B 19 -5.52 11.37 -17.44
N TYR B 20 -6.75 10.89 -17.21
CA TYR B 20 -7.91 11.60 -17.75
C TYR B 20 -8.09 13.06 -17.30
N LYS B 21 -7.55 13.40 -16.14
CA LYS B 21 -7.68 14.77 -15.65
C LYS B 21 -6.91 15.77 -16.54
N VAL B 22 -6.00 15.23 -17.35
CA VAL B 22 -5.22 16.05 -18.26
C VAL B 22 -6.17 16.63 -19.33
N THR B 23 -7.30 15.97 -19.52
CA THR B 23 -8.27 16.36 -20.54
C THR B 23 -9.51 17.07 -20.04
N HIS B 24 -9.62 17.24 -18.72
CA HIS B 24 -10.79 17.88 -18.14
C HIS B 24 -11.00 19.37 -18.40
N TYR B 25 -9.93 20.10 -18.67
CA TYR B 25 -10.04 21.54 -18.93
C TYR B 25 -10.87 21.83 -20.17
N LYS B 26 -11.09 20.81 -21.00
CA LYS B 26 -11.90 20.97 -22.21
C LYS B 26 -13.31 20.43 -22.01
N GLN B 27 -13.62 20.00 -20.78
CA GLN B 27 -14.93 19.40 -20.50
C GLN B 27 -15.86 20.20 -19.59
N TYR B 28 -15.29 21.10 -18.78
CA TYR B 28 -16.12 21.89 -17.88
C TYR B 28 -17.01 22.85 -18.67
N PRO B 29 -18.10 23.33 -18.04
CA PRO B 29 -18.93 24.27 -18.81
C PRO B 29 -18.12 25.52 -19.16
N PRO B 30 -18.34 26.07 -20.36
CA PRO B 30 -17.60 27.30 -20.70
C PRO B 30 -17.98 28.44 -19.76
N ASN B 31 -17.07 29.39 -19.59
CA ASN B 31 -17.28 30.53 -18.70
C ASN B 31 -17.33 30.16 -17.22
N THR B 32 -16.56 29.13 -16.86
CA THR B 32 -16.50 28.69 -15.46
C THR B 32 -15.30 29.33 -14.79
N SER B 33 -15.53 30.08 -13.73
CA SER B 33 -14.45 30.78 -13.02
C SER B 33 -14.07 30.13 -11.70
N LYS B 34 -14.89 29.20 -11.22
CA LYS B 34 -14.61 28.54 -9.96
C LYS B 34 -15.08 27.09 -9.89
N VAL B 35 -14.22 26.24 -9.32
CA VAL B 35 -14.52 24.84 -9.09
C VAL B 35 -14.15 24.57 -7.63
N TYR B 36 -15.15 24.23 -6.82
CA TYR B 36 -15.00 24.01 -5.38
C TYR B 36 -15.33 22.54 -5.06
N SER B 37 -14.38 21.85 -4.43
CA SER B 37 -14.52 20.43 -4.09
C SER B 37 -14.21 20.15 -2.62
N TYR B 38 -14.70 19.02 -2.13
CA TYR B 38 -14.50 18.65 -0.72
C TYR B 38 -14.21 17.15 -0.54
N PHE B 39 -13.67 16.81 0.62
CA PHE B 39 -13.34 15.43 0.97
C PHE B 39 -14.13 14.96 2.19
N GLU B 40 -14.57 13.71 2.18
CA GLU B 40 -15.30 13.15 3.32
C GLU B 40 -15.17 11.63 3.36
N CYS B 41 -15.47 11.06 4.52
CA CYS B 41 -15.51 9.62 4.73
C CYS B 41 -17.01 9.32 4.84
N ARG B 42 -17.63 9.06 3.70
CA ARG B 42 -19.08 8.85 3.62
C ARG B 42 -19.72 7.86 4.59
N GLU B 43 -21.02 8.06 4.80
CA GLU B 43 -21.87 7.22 5.64
C GLU B 43 -21.95 7.69 7.07
N TYR B 56 -16.54 1.77 12.62
CA TYR B 56 -15.74 2.95 12.33
C TYR B 56 -16.60 4.20 12.21
N GLU B 57 -17.34 4.51 13.27
CA GLU B 57 -18.25 5.66 13.31
C GLU B 57 -17.54 7.01 13.26
N GLU B 58 -16.29 7.05 13.72
CA GLU B 58 -15.53 8.31 13.75
C GLU B 58 -14.12 8.11 13.19
N THR B 59 -13.62 9.12 12.50
CA THR B 59 -12.29 9.03 11.88
C THR B 59 -11.32 10.07 12.41
N VAL B 60 -10.04 9.68 12.49
CA VAL B 60 -8.98 10.57 12.91
C VAL B 60 -8.43 11.24 11.66
N PHE B 61 -8.50 12.58 11.59
CA PHE B 61 -7.98 13.31 10.43
C PHE B 61 -6.48 13.52 10.58
N TYR B 62 -5.71 12.87 9.71
CA TYR B 62 -4.27 12.98 9.78
C TYR B 62 -3.60 12.72 8.42
N GLY B 63 -2.51 13.43 8.15
CA GLY B 63 -1.71 13.21 6.96
C GLY B 63 -1.60 14.31 5.90
N LEU B 64 -2.58 15.21 5.88
CA LEU B 64 -2.60 16.27 4.87
C LEU B 64 -1.31 17.12 4.87
N GLN B 65 -0.86 17.53 6.05
CA GLN B 65 0.32 18.37 6.18
C GLN B 65 1.55 17.83 5.44
N TYR B 66 1.72 16.52 5.49
CA TYR B 66 2.84 15.87 4.80
C TYR B 66 2.75 16.14 3.29
N ILE B 67 1.55 15.99 2.74
CA ILE B 67 1.30 16.19 1.32
C ILE B 67 1.50 17.65 0.88
N LEU B 68 1.01 18.58 1.68
CA LEU B 68 1.13 20.01 1.36
C LEU B 68 2.60 20.44 1.24
N ASN B 69 3.42 19.98 2.19
CA ASN B 69 4.84 20.31 2.23
C ASN B 69 5.67 19.58 1.19
N LYS B 70 5.45 18.28 1.07
CA LYS B 70 6.22 17.46 0.14
C LYS B 70 5.93 17.68 -1.34
N TYR B 71 4.65 17.85 -1.70
CA TYR B 71 4.26 17.93 -3.11
C TYR B 71 3.61 19.20 -3.64
N LEU B 72 2.92 19.96 -2.80
CA LEU B 72 2.15 21.10 -3.28
C LEU B 72 2.73 22.51 -3.09
N LYS B 73 3.55 22.70 -2.08
CA LYS B 73 4.10 24.03 -1.78
C LYS B 73 5.26 24.51 -2.64
N GLY B 74 5.48 25.82 -2.62
CA GLY B 74 6.57 26.48 -3.32
C GLY B 74 6.47 26.47 -4.84
N LYS B 75 7.61 26.57 -5.51
CA LYS B 75 7.66 26.57 -6.97
C LYS B 75 7.57 25.15 -7.50
N VAL B 76 6.39 24.76 -7.96
CA VAL B 76 6.18 23.40 -8.43
C VAL B 76 6.14 23.28 -9.95
N VAL B 77 6.27 24.41 -10.62
CA VAL B 77 6.24 24.44 -12.08
C VAL B 77 7.47 25.14 -12.67
N THR B 78 8.04 24.53 -13.70
CA THR B 78 9.18 25.10 -14.41
C THR B 78 8.98 24.86 -15.90
N LYS B 79 9.70 25.61 -16.74
CA LYS B 79 9.56 25.44 -18.17
C LYS B 79 9.98 24.04 -18.58
N GLU B 80 10.91 23.46 -17.84
CA GLU B 80 11.39 22.12 -18.12
C GLU B 80 10.34 21.08 -17.76
N LYS B 81 9.60 21.30 -16.69
CA LYS B 81 8.55 20.37 -16.27
C LYS B 81 7.37 20.39 -17.24
N ILE B 82 7.09 21.57 -17.80
CA ILE B 82 6.01 21.72 -18.76
C ILE B 82 6.34 20.95 -20.03
N GLN B 83 7.58 21.11 -20.50
CA GLN B 83 8.06 20.43 -21.71
C GLN B 83 8.08 18.92 -21.50
N GLU B 84 8.54 18.49 -20.34
CA GLU B 84 8.58 17.06 -20.02
C GLU B 84 7.18 16.45 -20.08
N ALA B 85 6.22 17.11 -19.43
CA ALA B 85 4.84 16.63 -19.40
C ALA B 85 4.26 16.55 -20.82
N LYS B 86 4.47 17.61 -21.59
CA LYS B 86 3.96 17.67 -22.96
C LYS B 86 4.44 16.49 -23.80
N ASP B 87 5.73 16.17 -23.67
CA ASP B 87 6.34 15.08 -24.43
C ASP B 87 5.81 13.71 -24.07
N VAL B 88 5.54 13.49 -22.78
CA VAL B 88 5.01 12.22 -22.31
C VAL B 88 3.56 12.06 -22.74
N TYR B 89 2.75 13.08 -22.50
CA TYR B 89 1.34 13.04 -22.86
C TYR B 89 1.05 12.85 -24.35
N LYS B 90 1.87 13.45 -25.20
CA LYS B 90 1.69 13.31 -26.64
C LYS B 90 1.70 11.84 -27.03
N GLU B 91 2.60 11.07 -26.41
CA GLU B 91 2.71 9.65 -26.70
C GLU B 91 1.70 8.83 -25.91
N HIS B 92 1.54 9.18 -24.63
CA HIS B 92 0.60 8.47 -23.76
C HIS B 92 -0.81 8.46 -24.35
N PHE B 93 -1.24 9.60 -24.88
CA PHE B 93 -2.58 9.72 -25.49
C PHE B 93 -2.53 9.54 -27.01
N GLN B 94 -1.33 9.59 -27.58
CA GLN B 94 -1.20 9.50 -29.03
C GLN B 94 -1.95 10.68 -29.62
N ASP B 95 -1.96 11.79 -28.88
CA ASP B 95 -2.68 12.98 -29.29
C ASP B 95 -2.20 14.16 -28.46
N ASP B 96 -2.46 15.37 -28.94
CA ASP B 96 -2.08 16.58 -28.22
C ASP B 96 -3.31 17.16 -27.52
N VAL B 97 -3.41 16.93 -26.21
CA VAL B 97 -4.54 17.41 -25.43
C VAL B 97 -4.09 18.12 -24.15
N PHE B 98 -2.78 18.19 -23.95
CA PHE B 98 -2.18 18.82 -22.78
C PHE B 98 -2.36 20.34 -22.70
N ASN B 99 -2.78 20.83 -21.53
CA ASN B 99 -3.00 22.27 -21.31
C ASN B 99 -1.73 23.07 -21.05
N GLU B 100 -0.88 23.18 -22.08
CA GLU B 100 0.37 23.94 -21.96
C GLU B 100 0.13 25.40 -21.56
N LYS B 101 -0.83 26.05 -22.21
CA LYS B 101 -1.14 27.45 -21.92
C LYS B 101 -1.53 27.64 -20.46
N GLY B 102 -2.39 26.76 -19.98
CA GLY B 102 -2.86 26.80 -18.60
C GLY B 102 -1.72 26.73 -17.61
N TRP B 103 -0.79 25.83 -17.84
CA TRP B 103 0.36 25.66 -16.94
C TRP B 103 1.36 26.80 -17.08
N ASN B 104 1.53 27.29 -18.31
CA ASN B 104 2.45 28.41 -18.54
C ASN B 104 1.97 29.66 -17.84
N TYR B 105 0.65 29.81 -17.73
CA TYR B 105 0.05 30.96 -17.05
C TYR B 105 0.46 30.97 -15.57
N ILE B 106 0.41 29.81 -14.94
CA ILE B 106 0.78 29.68 -13.54
C ILE B 106 2.26 29.99 -13.33
N LEU B 107 3.08 29.55 -14.27
CA LEU B 107 4.52 29.77 -14.18
C LEU B 107 4.89 31.26 -14.27
N GLU B 108 4.30 31.95 -15.24
CA GLU B 108 4.60 33.36 -15.45
C GLU B 108 3.94 34.30 -14.44
N LYS B 109 2.71 33.99 -14.06
CA LYS B 109 1.97 34.84 -13.15
C LYS B 109 2.30 34.65 -11.67
N TYR B 110 2.43 33.40 -11.25
CA TYR B 110 2.69 33.11 -9.84
C TYR B 110 4.04 32.44 -9.60
N ASP B 111 4.96 32.62 -10.52
CA ASP B 111 6.28 32.02 -10.41
C ASP B 111 6.21 30.54 -10.06
N GLY B 112 5.27 29.83 -10.70
CA GLY B 112 5.11 28.40 -10.51
C GLY B 112 4.41 27.97 -9.22
N HIS B 113 3.83 28.92 -8.51
CA HIS B 113 3.11 28.64 -7.26
C HIS B 113 1.63 28.38 -7.58
N LEU B 114 1.03 27.38 -6.92
CA LEU B 114 -0.37 27.00 -7.17
C LEU B 114 -1.41 27.97 -6.60
N PRO B 115 -2.24 28.56 -7.47
CA PRO B 115 -3.31 29.49 -7.07
C PRO B 115 -4.50 28.71 -6.52
N ILE B 116 -4.30 28.12 -5.34
CA ILE B 116 -5.30 27.26 -4.73
C ILE B 116 -5.46 27.56 -3.23
N GLU B 117 -6.65 27.33 -2.71
CA GLU B 117 -6.88 27.50 -1.28
C GLU B 117 -7.48 26.23 -0.69
N ILE B 118 -6.83 25.70 0.34
CA ILE B 118 -7.31 24.49 1.00
C ILE B 118 -7.62 24.78 2.48
N LYS B 119 -8.83 24.43 2.90
CA LYS B 119 -9.24 24.61 4.29
C LYS B 119 -9.49 23.22 4.87
N ALA B 120 -9.01 22.99 6.09
CA ALA B 120 -9.15 21.67 6.72
C ALA B 120 -9.39 21.72 8.22
N VAL B 121 -9.93 20.63 8.75
CA VAL B 121 -10.17 20.49 10.20
C VAL B 121 -8.78 20.23 10.80
N PRO B 122 -8.53 20.73 12.03
CA PRO B 122 -7.19 20.51 12.59
C PRO B 122 -6.79 19.04 12.63
N GLU B 123 -5.54 18.75 12.31
CA GLU B 123 -5.08 17.36 12.30
C GLU B 123 -5.12 16.74 13.70
N GLY B 124 -5.57 15.49 13.78
CA GLY B 124 -5.69 14.79 15.05
C GLY B 124 -7.15 14.79 15.50
N PHE B 125 -7.94 15.70 14.92
CA PHE B 125 -9.36 15.80 15.25
C PHE B 125 -10.11 14.51 14.94
N VAL B 126 -11.02 14.14 15.83
CA VAL B 126 -11.84 12.93 15.67
C VAL B 126 -13.26 13.32 15.22
N ILE B 127 -13.57 13.02 13.97
CA ILE B 127 -14.84 13.42 13.35
C ILE B 127 -15.75 12.25 12.95
N PRO B 128 -17.06 12.40 13.18
CA PRO B 128 -17.98 11.31 12.77
C PRO B 128 -18.09 11.23 11.26
N ARG B 129 -18.44 10.05 10.76
CA ARG B 129 -18.60 9.83 9.32
C ARG B 129 -19.60 10.78 8.69
N GLY B 130 -19.40 11.08 7.41
CA GLY B 130 -20.29 11.92 6.63
C GLY B 130 -20.12 13.41 6.84
N ASN B 131 -18.94 13.82 7.29
CA ASN B 131 -18.66 15.23 7.52
C ASN B 131 -17.53 15.73 6.64
N VAL B 132 -17.57 17.01 6.28
CA VAL B 132 -16.52 17.61 5.48
C VAL B 132 -15.23 17.65 6.30
N LEU B 133 -14.14 17.17 5.72
CA LEU B 133 -12.84 17.16 6.42
C LEU B 133 -11.92 18.24 5.85
N PHE B 134 -12.01 18.47 4.55
CA PHE B 134 -11.25 19.54 3.90
C PHE B 134 -11.86 19.95 2.55
N THR B 135 -11.66 21.21 2.16
CA THR B 135 -12.18 21.73 0.90
C THR B 135 -11.04 22.28 0.05
N VAL B 136 -11.24 22.29 -1.27
CA VAL B 136 -10.24 22.79 -2.22
C VAL B 136 -10.91 23.69 -3.25
N GLU B 137 -10.25 24.79 -3.60
CA GLU B 137 -10.78 25.73 -4.58
C GLU B 137 -9.68 26.60 -5.21
N ASN B 138 -9.90 27.05 -6.43
CA ASN B 138 -8.95 27.91 -7.12
C ASN B 138 -9.16 29.37 -6.71
N THR B 139 -8.07 30.12 -6.63
CA THR B 139 -8.13 31.54 -6.23
C THR B 139 -8.03 32.47 -7.42
N ASP B 140 -7.79 31.90 -8.60
CA ASP B 140 -7.71 32.67 -9.84
C ASP B 140 -8.69 32.05 -10.81
N PRO B 141 -9.52 32.87 -11.48
CA PRO B 141 -10.52 32.36 -12.42
C PRO B 141 -9.93 31.57 -13.59
N GLU B 142 -8.71 31.88 -13.98
CA GLU B 142 -8.08 31.19 -15.10
C GLU B 142 -7.73 29.74 -14.74
N CYS B 143 -7.64 29.46 -13.45
CA CYS B 143 -7.25 28.14 -12.96
C CYS B 143 -8.38 27.27 -12.41
N TYR B 144 -9.57 27.43 -12.95
CA TYR B 144 -10.73 26.65 -12.53
C TYR B 144 -10.48 25.14 -12.65
N TRP B 145 -9.57 24.76 -13.55
CA TRP B 145 -9.24 23.36 -13.81
C TRP B 145 -8.23 22.75 -12.83
N LEU B 146 -7.57 23.61 -12.05
CA LEU B 146 -6.54 23.17 -11.10
C LEU B 146 -7.11 22.43 -9.90
N THR B 147 -8.28 22.88 -9.44
CA THR B 147 -8.95 22.29 -8.29
C THR B 147 -8.96 20.75 -8.28
N ASN B 148 -9.47 20.17 -9.36
CA ASN B 148 -9.56 18.71 -9.47
C ASN B 148 -8.31 18.03 -10.02
N TRP B 149 -7.42 18.81 -10.62
CA TRP B 149 -6.16 18.25 -11.11
C TRP B 149 -5.45 17.59 -9.93
N ILE B 150 -5.47 18.26 -8.78
CA ILE B 150 -4.78 17.79 -7.59
C ILE B 150 -5.62 16.87 -6.69
N GLU B 151 -6.73 16.36 -7.21
CA GLU B 151 -7.55 15.43 -6.43
C GLU B 151 -6.77 14.14 -6.15
N THR B 152 -6.08 13.63 -7.17
CA THR B 152 -5.34 12.38 -7.03
C THR B 152 -4.34 12.42 -5.89
N ILE B 153 -3.55 13.48 -5.83
CA ILE B 153 -2.55 13.65 -4.79
C ILE B 153 -3.19 13.77 -3.40
N LEU B 154 -4.20 14.63 -3.30
CA LEU B 154 -4.86 14.87 -2.02
C LEU B 154 -5.64 13.67 -1.48
N VAL B 155 -6.31 12.96 -2.37
CA VAL B 155 -7.12 11.82 -1.98
C VAL B 155 -6.32 10.71 -1.30
N GLN B 156 -5.02 10.66 -1.61
CA GLN B 156 -4.15 9.65 -1.02
C GLN B 156 -4.05 9.85 0.49
N SER B 157 -4.70 10.91 0.99
CA SER B 157 -4.74 11.17 2.42
C SER B 157 -5.59 10.08 3.07
N TRP B 158 -6.39 9.38 2.26
CA TRP B 158 -7.22 8.29 2.78
C TRP B 158 -6.40 7.29 3.59
N TYR B 159 -5.16 7.09 3.18
CA TYR B 159 -4.27 6.12 3.83
C TYR B 159 -3.85 6.46 5.26
N PRO B 160 -3.26 7.65 5.47
CA PRO B 160 -2.91 7.92 6.88
C PRO B 160 -4.15 8.10 7.76
N ILE B 161 -5.26 8.52 7.17
CA ILE B 161 -6.51 8.68 7.92
C ILE B 161 -6.99 7.30 8.35
N THR B 162 -6.96 6.35 7.41
CA THR B 162 -7.41 4.99 7.68
C THR B 162 -6.51 4.24 8.67
N VAL B 163 -5.19 4.35 8.51
CA VAL B 163 -4.28 3.68 9.43
C VAL B 163 -4.48 4.22 10.85
N ALA B 164 -4.55 5.54 10.96
CA ALA B 164 -4.72 6.19 12.27
C ALA B 164 -6.06 5.83 12.92
N THR B 165 -7.10 5.76 12.10
CA THR B 165 -8.43 5.42 12.60
C THR B 165 -8.50 3.96 13.06
N ASN B 166 -8.00 3.06 12.22
CA ASN B 166 -8.01 1.65 12.56
C ASN B 166 -7.15 1.34 13.79
N SER B 167 -6.05 2.07 13.93
CA SER B 167 -5.16 1.88 15.07
C SER B 167 -5.82 2.38 16.36
N ARG B 168 -6.56 3.48 16.25
CA ARG B 168 -7.26 4.05 17.41
C ARG B 168 -8.39 3.13 17.88
N GLU B 169 -9.09 2.52 16.93
CA GLU B 169 -10.18 1.61 17.27
C GLU B 169 -9.64 0.39 18.02
N GLN B 170 -8.41 0.00 17.70
CA GLN B 170 -7.78 -1.13 18.38
C GLN B 170 -7.36 -0.74 19.79
N LYS B 171 -7.02 0.53 19.96
CA LYS B 171 -6.64 1.06 21.26
C LYS B 171 -7.85 1.07 22.19
N LYS B 172 -9.03 1.28 21.60
CA LYS B 172 -10.29 1.30 22.35
C LYS B 172 -10.59 -0.08 22.92
N ILE B 173 -10.37 -1.12 22.11
CA ILE B 173 -10.59 -2.49 22.54
C ILE B 173 -9.64 -2.84 23.68
N LEU B 174 -8.37 -2.49 23.49
CA LEU B 174 -7.34 -2.75 24.50
C LEU B 174 -7.63 -2.01 25.80
N ALA B 175 -8.01 -0.73 25.68
CA ALA B 175 -8.32 0.10 26.85
C ALA B 175 -9.45 -0.52 27.66
N LYS B 176 -10.47 -1.00 26.96
CA LYS B 176 -11.63 -1.60 27.60
C LYS B 176 -11.29 -2.84 28.42
N TYR B 177 -10.56 -3.78 27.82
CA TYR B 177 -10.19 -5.03 28.48
C TYR B 177 -9.08 -4.86 29.53
N LEU B 178 -8.16 -3.93 29.30
CA LEU B 178 -7.10 -3.68 30.27
C LEU B 178 -7.69 -3.08 31.55
N LEU B 179 -8.60 -2.12 31.38
CA LEU B 179 -9.25 -1.48 32.53
C LEU B 179 -10.07 -2.49 33.33
N GLU B 180 -10.76 -3.38 32.61
CA GLU B 180 -11.58 -4.39 33.27
C GLU B 180 -10.75 -5.38 34.08
N THR B 181 -9.67 -5.88 33.48
CA THR B 181 -8.83 -6.88 34.14
C THR B 181 -7.80 -6.33 35.12
N SER B 182 -7.39 -5.08 34.95
CA SER B 182 -6.34 -4.49 35.80
C SER B 182 -6.79 -3.36 36.71
N GLY B 183 -7.80 -2.62 36.27
CA GLY B 183 -8.32 -1.50 37.03
C GLY B 183 -7.73 -0.17 36.59
N ASN B 184 -6.86 -0.20 35.59
CA ASN B 184 -6.24 1.02 35.07
C ASN B 184 -5.74 0.83 33.64
N LEU B 185 -5.06 1.85 33.11
CA LEU B 185 -4.55 1.79 31.74
C LEU B 185 -3.03 1.89 31.62
N ASP B 186 -2.31 1.54 32.69
CA ASP B 186 -0.85 1.59 32.67
C ASP B 186 -0.31 0.74 31.51
N GLY B 187 0.58 1.33 30.70
CA GLY B 187 1.23 0.63 29.61
C GLY B 187 0.38 0.39 28.37
N LEU B 188 -0.81 0.99 28.34
CA LEU B 188 -1.73 0.88 27.22
C LEU B 188 -1.09 1.34 25.91
N GLU B 189 -0.41 2.49 25.96
CA GLU B 189 0.22 3.09 24.80
C GLU B 189 1.39 2.28 24.23
N TYR B 190 1.64 1.11 24.80
CA TYR B 190 2.73 0.25 24.32
C TYR B 190 2.20 -1.13 23.90
N LYS B 191 0.87 -1.31 23.99
CA LYS B 191 0.26 -2.61 23.71
C LYS B 191 -0.01 -3.03 22.26
N LEU B 192 0.21 -2.12 21.33
CA LEU B 192 0.06 -2.44 19.90
C LEU B 192 1.33 -1.95 19.22
N HIS B 193 2.20 -2.90 18.84
CA HIS B 193 3.48 -2.57 18.21
C HIS B 193 3.49 -2.78 16.70
N ASP B 194 4.08 -1.82 15.99
CA ASP B 194 4.19 -1.84 14.53
C ASP B 194 5.28 -2.79 14.05
N PHE B 195 4.87 -3.85 13.35
CA PHE B 195 5.76 -4.86 12.79
C PHE B 195 5.67 -4.82 11.26
N GLY B 196 4.98 -3.83 10.70
CA GLY B 196 4.69 -3.79 9.27
C GLY B 196 5.67 -3.36 8.18
N TYR B 197 6.87 -2.92 8.56
CA TYR B 197 7.85 -2.44 7.58
C TYR B 197 7.99 -3.28 6.30
N ARG B 198 8.18 -4.59 6.45
CA ARG B 198 8.35 -5.45 5.30
C ARG B 198 7.06 -5.79 4.55
N GLY B 199 5.92 -5.71 5.23
CA GLY B 199 4.62 -6.05 4.69
C GLY B 199 3.90 -4.97 3.92
N VAL B 200 4.50 -3.78 3.80
CA VAL B 200 3.90 -2.71 3.03
C VAL B 200 4.42 -2.66 1.59
N SER B 201 3.76 -1.88 0.75
CA SER B 201 4.07 -1.80 -0.67
C SER B 201 5.27 -0.94 -1.09
N SER B 202 5.80 -0.13 -0.19
CA SER B 202 6.95 0.71 -0.53
C SER B 202 7.56 1.40 0.67
N GLN B 203 8.73 1.99 0.46
CA GLN B 203 9.42 2.75 1.49
C GLN B 203 8.60 3.96 1.91
N GLU B 204 8.04 4.68 0.93
CA GLU B 204 7.25 5.87 1.26
C GLU B 204 6.01 5.53 2.10
N THR B 205 5.31 4.48 1.71
CA THR B 205 4.11 4.04 2.44
C THR B 205 4.51 3.69 3.87
N ALA B 206 5.63 2.99 4.02
CA ALA B 206 6.10 2.57 5.34
C ALA B 206 6.22 3.76 6.28
N GLY B 207 6.81 4.85 5.79
CA GLY B 207 6.96 6.07 6.58
C GLY B 207 5.63 6.69 6.93
N ILE B 208 4.74 6.81 5.93
CA ILE B 208 3.43 7.41 6.17
C ILE B 208 2.59 6.57 7.14
N GLY B 209 2.50 5.28 6.87
CA GLY B 209 1.71 4.36 7.69
C GLY B 209 2.21 4.26 9.12
N ALA B 210 3.53 4.21 9.29
CA ALA B 210 4.13 4.10 10.63
C ALA B 210 3.87 5.36 11.46
N SER B 211 3.90 6.52 10.80
CA SER B 211 3.64 7.77 11.49
C SER B 211 2.17 7.86 11.93
N ALA B 212 1.27 7.29 11.12
CA ALA B 212 -0.17 7.31 11.44
C ALA B 212 -0.48 6.45 12.66
N HIS B 213 0.24 5.35 12.81
CA HIS B 213 0.07 4.48 13.97
C HIS B 213 0.58 5.18 15.24
N LEU B 214 1.68 5.92 15.11
CA LEU B 214 2.27 6.62 16.24
C LEU B 214 1.41 7.74 16.81
N VAL B 215 0.31 8.04 16.13
CA VAL B 215 -0.62 9.04 16.63
C VAL B 215 -1.30 8.48 17.87
N ASN B 216 -1.40 7.15 17.94
CA ASN B 216 -2.07 6.47 19.06
C ASN B 216 -1.16 5.67 20.00
N PHE B 217 -0.06 5.16 19.48
CA PHE B 217 0.84 4.33 20.29
C PHE B 217 2.27 4.83 20.25
N LYS B 218 3.11 4.28 21.11
CA LYS B 218 4.51 4.70 21.19
C LYS B 218 5.51 3.66 20.68
N GLY B 219 5.05 2.45 20.36
CA GLY B 219 5.95 1.40 19.91
C GLY B 219 5.97 1.07 18.43
N THR B 220 7.16 1.15 17.83
CA THR B 220 7.31 0.84 16.41
C THR B 220 8.68 0.28 16.06
N ASP B 221 8.73 -0.55 15.02
CA ASP B 221 9.98 -1.08 14.49
C ASP B 221 10.14 -0.57 13.05
N THR B 222 9.15 0.18 12.59
CA THR B 222 9.19 0.75 11.24
C THR B 222 9.89 2.11 11.36
N VAL B 223 11.22 2.07 11.41
CA VAL B 223 12.08 3.24 11.57
C VAL B 223 11.69 4.44 10.70
N ALA B 224 11.32 4.16 9.45
CA ALA B 224 10.94 5.18 8.48
C ALA B 224 9.99 6.24 9.04
N GLY B 225 9.11 5.84 9.96
CA GLY B 225 8.15 6.77 10.53
C GLY B 225 8.79 7.89 11.32
N LEU B 226 9.91 7.61 11.99
CA LEU B 226 10.59 8.60 12.79
C LEU B 226 11.05 9.83 12.00
N ALA B 227 11.72 9.60 10.87
CA ALA B 227 12.22 10.70 10.05
C ALA B 227 11.09 11.53 9.45
N LEU B 228 10.01 10.86 9.08
CA LEU B 228 8.87 11.57 8.48
C LEU B 228 8.28 12.55 9.50
N ILE B 229 8.08 12.08 10.72
CA ILE B 229 7.52 12.90 11.79
C ILE B 229 8.40 14.10 12.11
N LYS B 230 9.69 13.85 12.27
CA LYS B 230 10.65 14.91 12.61
C LYS B 230 10.72 16.01 11.56
N LYS B 231 10.63 15.64 10.29
CA LYS B 231 10.74 16.61 9.21
C LYS B 231 9.46 17.36 8.85
N TYR B 232 8.30 16.72 8.97
CA TYR B 232 7.03 17.35 8.60
C TYR B 232 6.11 17.79 9.74
N TYR B 233 6.33 17.26 10.94
CA TYR B 233 5.46 17.58 12.08
C TYR B 233 6.24 18.06 13.29
N GLY B 234 7.13 17.23 13.82
CA GLY B 234 7.96 17.57 14.96
C GLY B 234 7.44 17.20 16.33
N THR B 235 8.36 16.84 17.23
CA THR B 235 8.03 16.49 18.62
C THR B 235 8.99 17.18 19.58
N LYS B 236 8.53 17.40 20.81
CA LYS B 236 9.35 18.02 21.84
C LYS B 236 10.43 17.03 22.26
N ASP B 237 10.06 15.76 22.36
CA ASP B 237 11.01 14.70 22.71
C ASP B 237 11.88 14.43 21.48
N PRO B 238 13.04 13.78 21.67
CA PRO B 238 13.92 13.49 20.54
C PRO B 238 13.22 12.64 19.47
N VAL B 239 12.52 11.59 19.92
CA VAL B 239 11.80 10.70 19.02
C VAL B 239 10.38 10.39 19.51
N PRO B 240 9.49 10.01 18.58
CA PRO B 240 8.10 9.71 18.89
C PRO B 240 7.80 8.23 19.09
N GLY B 241 8.73 7.37 18.68
CA GLY B 241 8.55 5.92 18.78
C GLY B 241 9.75 5.18 19.35
N TYR B 242 9.47 4.07 20.04
CA TYR B 242 10.51 3.29 20.69
C TYR B 242 10.50 1.79 20.36
N SER B 243 11.64 1.15 20.61
CA SER B 243 11.79 -0.29 20.39
C SER B 243 12.73 -0.90 21.43
N VAL B 244 12.80 -2.23 21.44
CA VAL B 244 13.69 -2.96 22.32
C VAL B 244 14.41 -4.03 21.50
N PRO B 245 15.59 -4.46 21.97
CA PRO B 245 16.31 -5.51 21.22
C PRO B 245 15.47 -6.78 21.13
N ALA B 246 15.56 -7.49 20.02
CA ALA B 246 14.76 -8.70 19.84
C ALA B 246 15.33 -9.64 18.79
N ALA B 247 14.95 -10.91 18.89
CA ALA B 247 15.44 -11.92 17.96
C ALA B 247 14.48 -12.19 16.80
N GLU B 248 15.03 -12.72 15.72
CA GLU B 248 14.25 -13.15 14.55
C GLU B 248 14.64 -14.61 14.34
N HIS B 249 13.93 -15.32 13.48
CA HIS B 249 14.23 -16.72 13.26
C HIS B 249 15.67 -17.01 12.87
N SER B 250 16.28 -16.12 12.09
CA SER B 250 17.66 -16.29 11.67
C SER B 250 18.67 -16.29 12.82
N THR B 251 18.44 -15.46 13.83
CA THR B 251 19.37 -15.39 14.96
C THR B 251 19.22 -16.57 15.94
N ILE B 252 18.11 -17.29 15.82
CA ILE B 252 17.90 -18.48 16.64
C ILE B 252 18.36 -19.72 15.86
N THR B 253 17.81 -19.89 14.66
CA THR B 253 18.13 -21.04 13.82
C THR B 253 19.58 -21.19 13.38
N ALA B 254 20.31 -20.09 13.31
CA ALA B 254 21.71 -20.12 12.90
C ALA B 254 22.60 -20.93 13.84
N TRP B 255 22.10 -21.19 15.05
CA TRP B 255 22.86 -21.95 16.05
C TRP B 255 22.74 -23.46 15.83
N GLY B 256 21.77 -23.87 15.04
CA GLY B 256 21.54 -25.28 14.77
C GLY B 256 20.35 -25.77 15.56
N LYS B 257 19.61 -26.72 14.99
CA LYS B 257 18.42 -27.27 15.62
C LYS B 257 18.62 -27.68 17.09
N ASP B 258 19.67 -28.43 17.37
CA ASP B 258 19.94 -28.93 18.71
C ASP B 258 20.43 -27.87 19.70
N HIS B 259 20.69 -26.66 19.23
CA HIS B 259 21.22 -25.63 20.12
C HIS B 259 20.34 -24.41 20.38
N GLU B 260 19.03 -24.58 20.27
CA GLU B 260 18.10 -23.48 20.53
C GLU B 260 18.34 -22.89 21.93
N LYS B 261 18.58 -23.75 22.91
CA LYS B 261 18.83 -23.29 24.27
C LYS B 261 20.07 -22.38 24.33
N ASP B 262 21.10 -22.74 23.58
CA ASP B 262 22.33 -21.93 23.53
C ASP B 262 22.05 -20.55 22.96
N ALA B 263 21.25 -20.50 21.89
CA ALA B 263 20.88 -19.23 21.27
C ALA B 263 20.13 -18.36 22.27
N PHE B 264 19.16 -18.95 22.97
CA PHE B 264 18.37 -18.23 23.97
C PHE B 264 19.27 -17.64 25.07
N GLU B 265 20.09 -18.51 25.65
CA GLU B 265 20.98 -18.10 26.74
C GLU B 265 21.89 -16.95 26.34
N HIS B 266 22.49 -17.06 25.16
CA HIS B 266 23.40 -16.03 24.65
C HIS B 266 22.68 -14.70 24.47
N ILE B 267 21.46 -14.75 23.94
CA ILE B 267 20.70 -13.53 23.67
C ILE B 267 20.23 -12.79 24.92
N VAL B 268 19.70 -13.53 25.90
CA VAL B 268 19.24 -12.88 27.13
C VAL B 268 20.41 -12.37 27.96
N THR B 269 21.58 -12.97 27.75
CA THR B 269 22.78 -12.56 28.46
C THR B 269 23.37 -11.31 27.81
N GLN B 270 23.29 -11.22 26.49
CA GLN B 270 23.78 -10.03 25.79
C GLN B 270 22.91 -8.83 26.12
N PHE B 271 21.64 -9.07 26.41
CA PHE B 271 20.71 -8.00 26.74
C PHE B 271 20.08 -8.22 28.13
N SER B 272 20.96 -8.39 29.12
CA SER B 272 20.53 -8.68 30.48
C SER B 272 19.94 -7.52 31.27
N SER B 273 20.15 -6.29 30.82
CA SER B 273 19.66 -5.13 31.57
C SER B 273 18.59 -4.30 30.90
N VAL B 274 18.15 -4.71 29.72
CA VAL B 274 17.07 -4.02 29.02
C VAL B 274 16.04 -5.06 28.60
N PRO B 275 14.80 -4.60 28.32
CA PRO B 275 13.81 -5.57 27.87
C PRO B 275 14.29 -6.26 26.60
N VAL B 276 13.94 -7.55 26.46
CA VAL B 276 14.36 -8.31 25.29
C VAL B 276 13.26 -9.27 24.85
N SER B 277 12.90 -9.18 23.58
CA SER B 277 11.87 -10.03 22.99
C SER B 277 12.55 -11.20 22.27
N VAL B 278 12.12 -12.43 22.56
CA VAL B 278 12.71 -13.62 21.94
C VAL B 278 11.70 -14.55 21.26
N VAL B 279 11.79 -14.66 19.95
CA VAL B 279 10.90 -15.55 19.20
C VAL B 279 11.21 -16.98 19.63
N SER B 280 10.19 -17.71 20.08
CA SER B 280 10.40 -19.05 20.62
C SER B 280 9.68 -20.20 19.92
N ASP B 281 9.18 -19.96 18.71
CA ASP B 281 8.43 -20.98 17.98
C ASP B 281 9.18 -21.63 16.82
N SER B 282 10.50 -21.47 16.77
CA SER B 282 11.30 -22.03 15.68
C SER B 282 11.00 -23.50 15.40
N TYR B 283 10.97 -24.32 16.45
CA TYR B 283 10.71 -25.75 16.29
C TYR B 283 9.48 -26.20 17.07
N ASP B 284 9.40 -25.79 18.33
CA ASP B 284 8.25 -26.14 19.18
C ASP B 284 8.06 -25.09 20.27
N ILE B 285 7.12 -24.18 20.04
CA ILE B 285 6.86 -23.10 20.98
C ILE B 285 6.53 -23.61 22.39
N TYR B 286 5.78 -24.69 22.46
CA TYR B 286 5.36 -25.24 23.75
C TYR B 286 6.49 -25.93 24.51
N ASN B 287 7.39 -26.58 23.78
CA ASN B 287 8.55 -27.20 24.42
C ASN B 287 9.45 -26.09 24.92
N ALA B 288 9.58 -25.02 24.13
CA ALA B 288 10.42 -23.88 24.49
C ALA B 288 10.00 -23.22 25.80
N CYS B 289 8.71 -22.96 25.93
CA CYS B 289 8.17 -22.31 27.13
C CYS B 289 8.29 -23.19 28.38
N GLU B 290 7.91 -24.45 28.25
CA GLU B 290 7.90 -25.36 29.39
C GLU B 290 9.26 -25.91 29.81
N LYS B 291 10.07 -26.31 28.85
CA LYS B 291 11.36 -26.92 29.16
C LYS B 291 12.58 -26.00 29.11
N ILE B 292 12.67 -25.17 28.07
CA ILE B 292 13.83 -24.27 27.94
C ILE B 292 13.76 -23.08 28.88
N TRP B 293 12.77 -22.22 28.67
CA TRP B 293 12.59 -21.05 29.52
C TRP B 293 12.11 -21.53 30.89
N GLY B 294 11.22 -22.50 30.89
CA GLY B 294 10.59 -23.02 32.10
C GLY B 294 11.45 -23.84 33.05
N GLU B 295 12.53 -24.43 32.54
CA GLU B 295 13.40 -25.27 33.35
C GLU B 295 14.90 -25.03 33.14
N ASP B 296 15.39 -25.31 31.95
CA ASP B 296 16.81 -25.15 31.64
C ASP B 296 17.35 -23.77 31.95
N LEU B 297 16.66 -22.74 31.47
CA LEU B 297 17.11 -21.36 31.62
C LEU B 297 16.32 -20.53 32.63
N ARG B 298 15.45 -21.20 33.38
CA ARG B 298 14.61 -20.50 34.36
C ARG B 298 15.38 -19.62 35.35
N HIS B 299 16.64 -19.97 35.60
CA HIS B 299 17.47 -19.21 36.55
C HIS B 299 17.95 -17.85 36.01
N LEU B 300 17.99 -17.71 34.69
CA LEU B 300 18.43 -16.47 34.06
C LEU B 300 17.26 -15.52 33.84
N ILE B 301 16.06 -16.03 34.09
CA ILE B 301 14.83 -15.27 33.90
C ILE B 301 14.34 -14.66 35.22
N VAL B 302 14.17 -15.50 36.23
CA VAL B 302 13.69 -15.04 37.54
C VAL B 302 14.59 -13.99 38.18
N SER B 303 15.82 -13.87 37.68
CA SER B 303 16.78 -12.92 38.23
C SER B 303 16.72 -11.57 37.53
N ARG B 304 15.91 -11.48 36.47
CA ARG B 304 15.81 -10.25 35.70
C ARG B 304 15.07 -9.10 36.39
N SER B 305 15.48 -7.88 36.09
CA SER B 305 14.87 -6.69 36.68
C SER B 305 13.51 -6.38 36.08
N THR B 306 12.69 -5.70 36.87
CA THR B 306 11.34 -5.30 36.47
C THR B 306 11.39 -4.35 35.28
N GLN B 307 12.55 -3.71 35.09
CA GLN B 307 12.75 -2.79 33.97
C GLN B 307 13.29 -3.50 32.74
N ALA B 308 13.64 -4.77 32.89
CA ALA B 308 14.21 -5.53 31.79
C ALA B 308 13.64 -6.95 31.71
N PRO B 309 12.32 -7.07 31.52
CA PRO B 309 11.74 -8.41 31.46
C PRO B 309 12.08 -9.16 30.18
N LEU B 310 11.87 -10.48 30.23
CA LEU B 310 12.00 -11.33 29.04
C LEU B 310 10.61 -11.31 28.45
N ILE B 311 10.53 -11.07 27.14
CA ILE B 311 9.25 -11.05 26.45
C ILE B 311 9.21 -12.21 25.45
N ILE B 312 8.48 -13.26 25.80
CA ILE B 312 8.37 -14.45 24.95
C ILE B 312 7.46 -14.16 23.77
N ARG B 313 7.88 -14.55 22.58
CA ARG B 313 7.09 -14.29 21.38
C ARG B 313 6.79 -15.52 20.52
N PRO B 314 5.52 -15.97 20.52
CA PRO B 314 5.10 -17.05 19.63
C PRO B 314 4.92 -16.39 18.26
N ASP B 315 4.94 -17.18 17.19
CA ASP B 315 4.81 -16.60 15.86
C ASP B 315 4.12 -17.52 14.86
N SER B 316 3.31 -18.44 15.35
CA SER B 316 2.64 -19.40 14.47
C SER B 316 1.47 -20.08 15.20
N GLY B 317 0.62 -20.76 14.45
CA GLY B 317 -0.53 -21.45 14.98
C GLY B 317 -1.74 -20.55 15.10
N ASN B 318 -2.83 -21.09 15.62
CA ASN B 318 -4.06 -20.33 15.83
C ASN B 318 -3.72 -19.27 16.89
N PRO B 319 -3.90 -17.98 16.56
CA PRO B 319 -3.50 -16.92 17.50
C PRO B 319 -4.08 -17.00 18.91
N LEU B 320 -5.36 -17.29 19.03
CA LEU B 320 -5.99 -17.38 20.35
C LEU B 320 -5.61 -18.65 21.12
N ASP B 321 -5.62 -19.79 20.43
CA ASP B 321 -5.27 -21.05 21.07
C ASP B 321 -3.82 -21.02 21.55
N THR B 322 -2.94 -20.45 20.73
CA THR B 322 -1.52 -20.37 21.07
C THR B 322 -1.26 -19.51 22.30
N VAL B 323 -1.88 -18.33 22.35
CA VAL B 323 -1.71 -17.42 23.47
C VAL B 323 -2.17 -18.06 24.78
N LEU B 324 -3.37 -18.63 24.75
CA LEU B 324 -3.94 -19.28 25.93
C LEU B 324 -3.06 -20.43 26.44
N LYS B 325 -2.61 -21.29 25.53
CA LYS B 325 -1.76 -22.42 25.90
C LYS B 325 -0.40 -22.01 26.44
N VAL B 326 0.15 -20.94 25.88
CA VAL B 326 1.45 -20.42 26.33
C VAL B 326 1.31 -19.88 27.76
N LEU B 327 0.22 -19.17 28.02
CA LEU B 327 -0.03 -18.61 29.34
C LEU B 327 -0.26 -19.72 30.37
N GLU B 328 -0.96 -20.77 29.95
CA GLU B 328 -1.21 -21.90 30.84
C GLU B 328 0.09 -22.57 31.25
N ILE B 329 0.98 -22.74 30.28
CA ILE B 329 2.29 -23.35 30.53
C ILE B 329 3.14 -22.50 31.47
N LEU B 330 3.27 -21.22 31.16
CA LEU B 330 4.06 -20.29 31.96
C LEU B 330 3.55 -20.17 33.39
N GLY B 331 2.23 -20.17 33.54
CA GLY B 331 1.59 -20.05 34.84
C GLY B 331 1.88 -21.22 35.75
N LYS B 332 2.40 -22.30 35.17
CA LYS B 332 2.73 -23.49 35.94
C LYS B 332 4.22 -23.60 36.22
N LYS B 333 5.03 -22.82 35.49
CA LYS B 333 6.48 -22.84 35.67
C LYS B 333 6.98 -21.61 36.43
N PHE B 334 6.14 -20.60 36.55
CA PHE B 334 6.50 -19.36 37.24
C PHE B 334 5.41 -18.97 38.23
N PRO B 335 5.78 -18.25 39.30
CA PRO B 335 4.89 -17.79 40.38
C PRO B 335 3.89 -16.71 39.97
N VAL B 336 2.65 -17.12 39.71
CA VAL B 336 1.62 -16.15 39.33
C VAL B 336 0.88 -15.59 40.53
N THR B 337 0.50 -14.33 40.45
CA THR B 337 -0.26 -13.68 41.51
C THR B 337 -1.65 -13.34 40.96
N GLU B 338 -2.56 -12.98 41.86
CA GLU B 338 -3.91 -12.62 41.47
C GLU B 338 -4.12 -11.15 41.84
N ASN B 339 -4.28 -10.30 40.83
CA ASN B 339 -4.46 -8.88 41.08
C ASN B 339 -5.76 -8.54 41.80
N SER B 340 -5.93 -7.27 42.13
CA SER B 340 -7.10 -6.79 42.87
C SER B 340 -8.44 -7.00 42.15
N LYS B 341 -8.39 -7.35 40.87
CA LYS B 341 -9.62 -7.57 40.11
C LYS B 341 -9.92 -9.07 40.00
N GLY B 342 -9.02 -9.89 40.54
CA GLY B 342 -9.18 -11.33 40.53
C GLY B 342 -8.51 -11.99 39.33
N TYR B 343 -7.83 -11.19 38.51
CA TYR B 343 -7.16 -11.71 37.33
C TYR B 343 -5.71 -12.13 37.55
N LYS B 344 -5.28 -13.14 36.81
CA LYS B 344 -3.94 -13.68 36.95
C LYS B 344 -2.84 -12.82 36.32
N LEU B 345 -1.72 -12.73 37.03
CA LEU B 345 -0.60 -11.90 36.59
C LEU B 345 0.76 -12.59 36.75
N LEU B 346 1.48 -12.70 35.63
CA LEU B 346 2.81 -13.29 35.64
C LEU B 346 3.77 -12.41 36.43
N PRO B 347 4.90 -12.97 36.87
CA PRO B 347 5.92 -12.18 37.58
C PRO B 347 6.41 -11.09 36.63
N PRO B 348 6.80 -9.93 37.19
CA PRO B 348 7.23 -8.71 36.51
C PRO B 348 8.38 -8.83 35.50
N TYR B 349 9.19 -9.87 35.64
CA TYR B 349 10.31 -10.08 34.72
C TYR B 349 9.90 -10.95 33.53
N LEU B 350 8.60 -11.21 33.39
CA LEU B 350 8.11 -12.07 32.31
C LEU B 350 6.82 -11.59 31.66
N ARG B 351 6.85 -11.44 30.34
CA ARG B 351 5.68 -11.02 29.58
C ARG B 351 5.57 -11.78 28.26
N VAL B 352 4.53 -11.47 27.48
CA VAL B 352 4.31 -12.14 26.20
C VAL B 352 3.88 -11.15 25.14
N ILE B 353 4.27 -11.42 23.90
CA ILE B 353 3.83 -10.61 22.76
C ILE B 353 3.38 -11.52 21.62
N GLN B 354 2.13 -11.35 21.21
CA GLN B 354 1.56 -12.12 20.11
C GLN B 354 1.62 -11.22 18.88
N GLY B 355 2.49 -11.55 17.93
CA GLY B 355 2.64 -10.72 16.74
C GLY B 355 2.42 -11.40 15.41
N ASP B 356 1.63 -12.48 15.41
CA ASP B 356 1.30 -13.20 14.20
C ASP B 356 -0.22 -13.27 14.05
N GLY B 357 -0.71 -13.06 12.84
CA GLY B 357 -2.14 -13.09 12.54
C GLY B 357 -2.94 -12.06 13.32
N VAL B 358 -2.30 -10.97 13.70
CA VAL B 358 -2.99 -9.94 14.45
C VAL B 358 -3.63 -8.84 13.61
N ASP B 359 -4.94 -8.70 13.74
CA ASP B 359 -5.68 -7.61 13.12
C ASP B 359 -6.76 -7.15 14.09
N ILE B 360 -7.60 -6.21 13.68
CA ILE B 360 -8.63 -5.72 14.60
C ILE B 360 -9.58 -6.81 15.10
N ASN B 361 -9.92 -7.76 14.24
CA ASN B 361 -10.83 -8.83 14.63
C ASN B 361 -10.20 -9.86 15.57
N THR B 362 -9.01 -10.34 15.24
CA THR B 362 -8.33 -11.32 16.08
C THR B 362 -7.91 -10.72 17.42
N LEU B 363 -7.56 -9.44 17.42
CA LEU B 363 -7.17 -8.77 18.65
C LEU B 363 -8.31 -8.85 19.67
N GLN B 364 -9.52 -8.61 19.19
CA GLN B 364 -10.72 -8.66 20.03
C GLN B 364 -11.00 -10.08 20.53
N GLU B 365 -10.78 -11.07 19.67
CA GLU B 365 -10.98 -12.46 20.05
C GLU B 365 -9.96 -12.88 21.12
N ILE B 366 -8.75 -12.36 21.02
CA ILE B 366 -7.70 -12.71 21.98
C ILE B 366 -7.95 -12.16 23.38
N VAL B 367 -8.21 -10.85 23.49
CA VAL B 367 -8.46 -10.25 24.79
C VAL B 367 -9.71 -10.82 25.46
N GLU B 368 -10.72 -11.16 24.65
CA GLU B 368 -11.95 -11.75 25.19
C GLU B 368 -11.70 -13.16 25.69
N GLY B 369 -10.89 -13.91 24.95
CA GLY B 369 -10.53 -15.26 25.34
C GLY B 369 -9.68 -15.25 26.60
N MET B 370 -8.78 -14.27 26.69
CA MET B 370 -7.92 -14.14 27.86
C MET B 370 -8.73 -13.84 29.10
N LYS B 371 -9.74 -12.98 28.94
CA LYS B 371 -10.59 -12.58 30.04
C LYS B 371 -11.44 -13.75 30.56
N GLN B 372 -11.95 -14.56 29.65
CA GLN B 372 -12.76 -15.71 30.05
C GLN B 372 -11.91 -16.71 30.84
N LYS B 373 -10.62 -16.76 30.53
CA LYS B 373 -9.70 -17.67 31.21
C LYS B 373 -9.04 -17.01 32.42
N MET B 374 -9.52 -15.81 32.77
CA MET B 374 -9.03 -15.09 33.94
C MET B 374 -7.57 -14.61 33.87
N TRP B 375 -7.11 -14.28 32.67
CA TRP B 375 -5.75 -13.76 32.48
C TRP B 375 -5.82 -12.25 32.26
N SER B 376 -5.00 -11.51 33.01
CA SER B 376 -5.00 -10.06 32.90
C SER B 376 -4.33 -9.62 31.59
N ILE B 377 -4.82 -8.51 31.03
CA ILE B 377 -4.27 -7.97 29.78
C ILE B 377 -2.90 -7.33 30.01
N GLU B 378 -2.54 -7.18 31.28
CA GLU B 378 -1.23 -6.63 31.64
C GLU B 378 -0.12 -7.54 31.13
N ASN B 379 -0.43 -8.84 31.08
CA ASN B 379 0.54 -9.86 30.68
C ASN B 379 0.99 -9.79 29.23
N ILE B 380 0.20 -9.12 28.40
CA ILE B 380 0.43 -9.18 26.97
C ILE B 380 0.51 -7.87 26.22
N ALA B 381 1.18 -7.92 25.08
CA ALA B 381 1.29 -6.82 24.14
C ALA B 381 1.02 -7.47 22.78
N PHE B 382 0.68 -6.68 21.78
CA PHE B 382 0.41 -7.24 20.45
C PHE B 382 1.27 -6.57 19.39
N GLY B 383 1.72 -7.36 18.42
CA GLY B 383 2.48 -6.86 17.30
C GLY B 383 1.62 -7.07 16.07
N SER B 384 1.62 -6.12 15.16
CA SER B 384 0.81 -6.20 13.95
C SER B 384 1.56 -5.64 12.75
N GLY B 385 1.59 -6.39 11.66
CA GLY B 385 2.29 -5.99 10.44
C GLY B 385 1.33 -5.64 9.31
N GLY B 386 1.05 -6.61 8.44
CA GLY B 386 0.14 -6.39 7.33
C GLY B 386 -1.23 -5.86 7.75
N GLY B 387 -1.77 -6.39 8.84
CA GLY B 387 -3.06 -5.96 9.33
C GLY B 387 -3.10 -4.50 9.73
N LEU B 388 -1.99 -4.00 10.26
CA LEU B 388 -1.90 -2.60 10.71
C LEU B 388 -1.59 -1.61 9.60
N LEU B 389 -0.73 -1.99 8.67
CA LEU B 389 -0.29 -1.07 7.62
C LEU B 389 -0.67 -1.39 6.17
N GLN B 390 -0.99 -2.64 5.87
CA GLN B 390 -1.30 -3.00 4.48
C GLN B 390 -2.72 -3.42 4.15
N LYS B 391 -3.33 -4.24 5.00
CA LYS B 391 -4.68 -4.74 4.74
C LYS B 391 -5.78 -3.69 4.96
N LEU B 392 -5.69 -2.59 4.22
CA LEU B 392 -6.68 -1.52 4.31
C LEU B 392 -6.89 -0.91 2.94
N THR B 393 -8.11 -0.42 2.68
CA THR B 393 -8.41 0.20 1.40
C THR B 393 -9.18 1.51 1.56
N ARG B 394 -9.27 2.26 0.47
CA ARG B 394 -9.99 3.53 0.45
C ARG B 394 -11.50 3.28 0.63
N ASP B 395 -11.90 2.02 0.54
CA ASP B 395 -13.31 1.65 0.69
C ASP B 395 -13.72 1.43 2.15
N LEU B 396 -12.75 1.17 3.03
CA LEU B 396 -13.05 0.91 4.43
C LEU B 396 -13.85 2.05 5.06
N LEU B 397 -13.41 3.30 4.85
CA LEU B 397 -14.13 4.45 5.37
C LEU B 397 -14.81 5.26 4.27
N ASN B 398 -14.97 4.67 3.10
CA ASN B 398 -15.62 5.34 1.97
C ASN B 398 -15.10 6.75 1.72
N CYS B 399 -13.77 6.89 1.69
CA CYS B 399 -13.14 8.19 1.44
C CYS B 399 -13.44 8.66 0.02
N SER B 400 -13.97 9.87 -0.11
CA SER B 400 -14.38 10.39 -1.40
C SER B 400 -14.15 11.91 -1.55
N PHE B 401 -13.72 12.31 -2.74
CA PHE B 401 -13.44 13.71 -3.08
C PHE B 401 -14.42 14.05 -4.22
N LYS B 402 -15.20 15.12 -4.06
CA LYS B 402 -16.19 15.49 -5.06
C LYS B 402 -16.40 17.00 -5.18
N CYS B 403 -16.83 17.43 -6.36
CA CYS B 403 -17.14 18.84 -6.61
C CYS B 403 -18.54 19.13 -6.10
N SER B 404 -18.69 20.19 -5.32
CA SER B 404 -19.98 20.55 -4.75
C SER B 404 -20.45 21.96 -5.12
N TYR B 405 -19.58 22.71 -5.80
CA TYR B 405 -19.91 24.09 -6.14
C TYR B 405 -19.04 24.63 -7.28
N VAL B 406 -19.68 25.38 -8.19
CA VAL B 406 -18.98 26.02 -9.30
C VAL B 406 -19.62 27.38 -9.56
N VAL B 407 -18.84 28.27 -10.17
CA VAL B 407 -19.33 29.58 -10.56
C VAL B 407 -19.21 29.66 -12.08
N THR B 408 -20.34 29.81 -12.75
CA THR B 408 -20.40 29.87 -14.21
C THR B 408 -21.16 31.13 -14.62
N ASN B 409 -20.57 31.94 -15.49
CA ASN B 409 -21.19 33.17 -15.93
C ASN B 409 -21.55 34.05 -14.73
N GLY B 410 -20.64 34.11 -13.76
CA GLY B 410 -20.81 34.91 -12.55
C GLY B 410 -21.85 34.39 -11.57
N LEU B 411 -22.48 33.27 -11.89
CA LEU B 411 -23.50 32.69 -11.03
C LEU B 411 -23.06 31.37 -10.39
N GLY B 412 -23.18 31.28 -9.08
CA GLY B 412 -22.80 30.07 -8.36
C GLY B 412 -23.93 29.07 -8.35
N ILE B 413 -23.59 27.79 -8.52
CA ILE B 413 -24.60 26.73 -8.49
C ILE B 413 -24.10 25.53 -7.68
N ASN B 414 -25.05 24.89 -6.98
CA ASN B 414 -24.72 23.72 -6.17
C ASN B 414 -24.65 22.46 -7.02
N VAL B 415 -23.50 21.80 -6.97
CA VAL B 415 -23.22 20.61 -7.76
C VAL B 415 -23.27 19.34 -6.90
N PHE B 416 -23.63 18.21 -7.52
CA PHE B 416 -23.71 16.95 -6.79
C PHE B 416 -24.07 15.78 -7.69
N LYS B 417 -23.75 14.58 -7.23
CA LYS B 417 -24.09 13.35 -7.92
C LYS B 417 -25.08 12.60 -7.04
N ASP B 418 -25.90 11.75 -7.64
CA ASP B 418 -26.92 10.99 -6.90
C ASP B 418 -27.32 9.75 -7.70
N PRO B 419 -26.38 8.79 -7.86
CA PRO B 419 -26.65 7.59 -8.66
C PRO B 419 -27.91 6.87 -8.20
N VAL B 420 -28.75 6.52 -9.16
CA VAL B 420 -30.01 5.82 -8.86
C VAL B 420 -29.83 4.50 -8.12
N ALA B 421 -28.82 3.74 -8.50
CA ALA B 421 -28.59 2.42 -7.89
C ALA B 421 -27.86 2.43 -6.55
N ASP B 422 -27.42 3.59 -6.10
CA ASP B 422 -26.70 3.67 -4.83
C ASP B 422 -26.84 5.02 -4.13
N PRO B 423 -27.83 5.13 -3.22
CA PRO B 423 -28.09 6.34 -2.44
C PRO B 423 -26.90 6.73 -1.57
N ASN B 424 -26.10 5.76 -1.17
CA ASN B 424 -24.92 6.01 -0.34
C ASN B 424 -23.86 6.82 -1.10
N LYS B 425 -23.96 6.84 -2.43
CA LYS B 425 -23.00 7.58 -3.25
C LYS B 425 -23.40 9.03 -3.53
N ARG B 426 -24.49 9.48 -2.92
CA ARG B 426 -24.95 10.85 -3.10
C ARG B 426 -24.00 11.83 -2.41
N SER B 427 -23.57 12.87 -3.13
CA SER B 427 -22.65 13.85 -2.56
C SER B 427 -23.34 15.11 -2.04
N LYS B 428 -22.63 15.88 -1.21
CA LYS B 428 -23.15 17.12 -0.62
C LYS B 428 -23.23 18.26 -1.65
N LYS B 429 -24.07 19.26 -1.38
CA LYS B 429 -24.23 20.38 -2.31
C LYS B 429 -23.77 21.75 -1.81
N GLY B 430 -23.19 22.51 -2.74
CA GLY B 430 -22.74 23.88 -2.53
C GLY B 430 -21.59 24.09 -1.58
N ARG B 431 -21.50 25.32 -1.07
CA ARG B 431 -20.43 25.69 -0.14
C ARG B 431 -20.64 25.05 1.23
N LEU B 432 -19.61 24.41 1.76
CA LEU B 432 -19.71 23.69 3.02
C LEU B 432 -18.91 24.31 4.16
N SER B 433 -19.30 23.95 5.37
CA SER B 433 -18.65 24.41 6.59
C SER B 433 -18.96 23.40 7.69
N LEU B 434 -18.03 23.23 8.63
CA LEU B 434 -18.19 22.26 9.71
C LEU B 434 -18.43 22.96 11.04
N HIS B 435 -19.46 22.53 11.76
CA HIS B 435 -19.79 23.18 13.03
C HIS B 435 -20.06 22.27 14.22
N ARG B 436 -20.06 22.87 15.40
CA ARG B 436 -20.38 22.20 16.66
C ARG B 436 -21.90 22.33 16.80
N THR B 437 -22.56 21.26 17.23
CA THR B 437 -24.00 21.32 17.45
C THR B 437 -24.26 21.81 18.88
N PRO B 438 -25.52 22.11 19.22
CA PRO B 438 -25.75 22.58 20.59
C PRO B 438 -25.41 21.50 21.62
N ALA B 439 -25.55 20.24 21.23
CA ALA B 439 -25.25 19.13 22.13
C ALA B 439 -23.77 18.77 22.13
N GLY B 440 -22.97 19.51 21.38
CA GLY B 440 -21.54 19.29 21.31
C GLY B 440 -21.09 18.24 20.29
N ASN B 441 -21.96 17.94 19.34
CA ASN B 441 -21.64 16.97 18.29
C ASN B 441 -21.17 17.75 17.06
N PHE B 442 -21.17 17.09 15.89
CA PHE B 442 -20.71 17.75 14.66
C PHE B 442 -21.79 17.78 13.58
N VAL B 443 -21.77 18.85 12.79
CA VAL B 443 -22.69 18.98 11.67
C VAL B 443 -22.02 19.72 10.52
N THR B 444 -22.28 19.25 9.30
CA THR B 444 -21.75 19.86 8.09
C THR B 444 -22.88 20.64 7.45
N LEU B 445 -22.72 21.96 7.34
CA LEU B 445 -23.73 22.81 6.71
C LEU B 445 -23.52 22.90 5.21
N GLU B 446 -24.60 22.74 4.46
CA GLU B 446 -24.54 22.78 3.01
C GLU B 446 -25.14 24.06 2.44
N GLU B 447 -24.96 24.26 1.13
CA GLU B 447 -25.50 25.40 0.41
C GLU B 447 -25.15 26.76 1.01
N GLY B 448 -23.96 26.87 1.59
CA GLY B 448 -23.49 28.12 2.16
C GLY B 448 -24.24 28.56 3.41
N LYS B 449 -25.11 27.68 3.92
CA LYS B 449 -25.90 28.00 5.11
C LYS B 449 -25.05 28.40 6.32
N GLY B 450 -23.76 28.11 6.27
CA GLY B 450 -22.85 28.46 7.35
C GLY B 450 -22.78 29.98 7.46
N ASP B 451 -22.95 30.67 6.33
CA ASP B 451 -22.90 32.13 6.28
C ASP B 451 -23.79 32.72 7.38
N LEU B 452 -24.97 32.14 7.58
CA LEU B 452 -25.81 32.58 8.66
C LEU B 452 -25.01 32.13 9.88
N GLU B 453 -25.01 32.93 10.94
CA GLU B 453 -24.21 32.57 12.11
C GLU B 453 -25.03 31.82 13.17
N GLU B 454 -25.73 30.78 12.73
CA GLU B 454 -26.58 30.00 13.63
C GLU B 454 -25.87 28.86 14.36
N TYR B 455 -24.79 28.36 13.77
CA TYR B 455 -24.05 27.24 14.34
C TYR B 455 -22.62 27.60 14.77
N GLY B 456 -22.40 28.84 15.15
CA GLY B 456 -21.08 29.26 15.58
C GLY B 456 -20.04 29.31 14.48
N GLN B 457 -18.78 29.14 14.88
CA GLN B 457 -17.66 29.23 13.94
C GLN B 457 -17.34 27.95 13.16
N ASP B 458 -16.96 28.14 11.90
CA ASP B 458 -16.56 27.06 11.02
C ASP B 458 -15.29 26.45 11.59
N LEU B 459 -15.29 25.13 11.80
CA LEU B 459 -14.10 24.47 12.35
C LEU B 459 -12.98 24.22 11.34
N LEU B 460 -13.26 24.47 10.07
CA LEU B 460 -12.24 24.31 9.02
C LEU B 460 -11.36 25.55 9.00
N HIS B 461 -10.06 25.36 8.78
CA HIS B 461 -9.11 26.48 8.73
C HIS B 461 -8.30 26.44 7.44
N THR B 462 -7.91 27.60 6.93
CA THR B 462 -7.08 27.68 5.73
C THR B 462 -5.70 27.14 6.10
N VAL B 463 -5.29 26.05 5.46
CA VAL B 463 -3.98 25.44 5.75
C VAL B 463 -3.01 25.64 4.60
N PHE B 464 -3.53 26.04 3.45
CA PHE B 464 -2.72 26.24 2.26
C PHE B 464 -3.37 27.31 1.40
N LYS B 465 -2.56 28.20 0.85
CA LYS B 465 -3.06 29.26 -0.02
C LYS B 465 -1.97 29.81 -0.91
N ASN B 466 -2.20 29.76 -2.22
CA ASN B 466 -1.26 30.27 -3.21
C ASN B 466 0.20 29.83 -3.02
N GLY B 467 0.42 28.53 -2.90
CA GLY B 467 1.76 27.98 -2.79
C GLY B 467 2.41 28.03 -1.42
N LYS B 468 1.67 28.45 -0.41
CA LYS B 468 2.22 28.52 0.94
C LYS B 468 1.39 27.80 1.98
N VAL B 469 2.08 27.11 2.89
CA VAL B 469 1.42 26.44 4.00
C VAL B 469 1.15 27.56 5.01
N THR B 470 -0.12 27.80 5.31
CA THR B 470 -0.50 28.91 6.18
C THR B 470 -0.73 28.57 7.65
N LYS B 471 -0.92 27.29 7.95
CA LYS B 471 -1.16 26.86 9.32
C LYS B 471 -0.70 25.41 9.44
N SER B 472 0.09 25.13 10.48
CA SER B 472 0.63 23.79 10.67
C SER B 472 0.50 23.28 12.11
N TYR B 473 0.57 21.97 12.28
CA TYR B 473 0.43 21.34 13.60
C TYR B 473 1.63 20.47 13.95
N SER B 474 2.03 20.51 15.21
CA SER B 474 3.12 19.66 15.67
C SER B 474 2.54 18.28 15.96
N PHE B 475 3.39 17.25 15.93
CA PHE B 475 2.93 15.90 16.19
C PHE B 475 2.38 15.78 17.62
N ASP B 476 2.83 16.68 18.49
CA ASP B 476 2.36 16.68 19.88
C ASP B 476 0.90 17.11 19.99
N GLU B 477 0.54 18.17 19.27
CA GLU B 477 -0.84 18.66 19.27
C GLU B 477 -1.75 17.60 18.67
N ILE B 478 -1.25 16.95 17.61
CA ILE B 478 -2.01 15.91 16.93
C ILE B 478 -2.37 14.74 17.85
N ARG B 479 -1.40 14.27 18.64
CA ARG B 479 -1.65 13.18 19.58
C ARG B 479 -2.70 13.62 20.62
N LYS B 480 -2.56 14.85 21.10
CA LYS B 480 -3.51 15.40 22.07
C LYS B 480 -4.93 15.40 21.50
N ASN B 481 -5.08 15.89 20.28
CA ASN B 481 -6.39 15.94 19.63
C ASN B 481 -7.01 14.55 19.46
N ALA B 482 -6.16 13.56 19.21
CA ALA B 482 -6.62 12.19 18.96
C ALA B 482 -6.82 11.30 20.20
N GLN B 483 -6.65 11.87 21.39
CA GLN B 483 -6.80 11.11 22.63
C GLN B 483 -8.15 10.40 22.78
N LEU B 484 -8.14 9.32 23.56
CA LEU B 484 -9.37 8.57 23.82
C LEU B 484 -10.17 9.31 24.88
N ASN B 485 -11.50 9.13 24.86
CA ASN B 485 -12.37 9.77 25.84
C ASN B 485 -12.05 9.23 27.24
#